data_9LWS
#
_entry.id   9LWS
#
_cell.length_a   1.00
_cell.length_b   1.00
_cell.length_c   1.00
_cell.angle_alpha   90.00
_cell.angle_beta   90.00
_cell.angle_gamma   90.00
#
_symmetry.space_group_name_H-M   'P 1'
#
loop_
_entity.id
_entity.type
_entity.pdbx_description
1 polymer 'Phosphatidylinositol 4,5-bisphosphate 3-kinase catalytic subunit alpha isoform'
2 polymer 'Phosphatidylinositol 3-kinase regulatory subunit alpha'
#
loop_
_entity_poly.entity_id
_entity_poly.type
_entity_poly.pdbx_seq_one_letter_code
_entity_poly.pdbx_strand_id
1 'polypeptide(L)'
;MSYYHHHHHHDYDIPTTENLYFQGAMGSMPPRPSSGELWGIHLMPPRILVECLLPNGMIVTLECLREATLITIKHELFKE
ARKYPLHQLLQDESSYIFVSVTQEAEREEFFDETRRLCDLRLFQPFLKVIEPVGNREEKILNREIGFAIGMPVCEFDMVK
DPEVQDFRRNILNVCKEAVDLRDLNSPHSRAMYVYPPNVESSPELPKHIYNKLDKGQIIVVIWVIVSPNNDKQKYTLKIN
HDCVPEQVIAEAIRKKTRSMLLSSEQLKLCVLEYQGKYILKVCGCDEYFLEKYPLSQYKYIRSCIMLGRMPNLMLMAKES
LYSQLPMDCFTMPSYSRRISTATPYMNGETSTKSLWVINSALRIKILCATYVNVNIRDIDKIYVRTGIYHGGEPLCDNVN
TQRVPCSNPRWNEWLNYDIYIPDLPRAARLCLSICSVKGRKGAKEEHCPLAWGNINLFDYTDTLVSGKMALNLWPVPHGL
EDLLNPIGVTGSNPNKETPCLELEFDWFSSVVKFPDMSVIEEHANWSVSREAGFSYSHAGLSNRLARDNELRENDKEQLK
AISTRDPLSEITEQEKDFLWSHRHYCVTIPEILPKLLLSVKWNSRDEVAQMYCLVKDWPPIKPEQAMELLDCNYPDPMVR
GFAVRCLEKYLTDDKLSQYLIQLVQVLKYEQYLDNLLVRFLLKKALTNQRIGHFFFWHLKSEMHNKTVSQRFGLLLESYC
RACGMYLKHLNRQVEAMEKLINLTDILKQEKKDETQKVQMKFLVEQMRRPDFMDALQGFLSPLNPAHQLGNLRLEECRIM
SSAKRPLWLNWENPDIMSELLFQNNEIIFKNGDDLRQDMLTLQIIRIMENIWQNQGLDLRMLPYGCLSIGDCVGLIEVVR
NSHTIMQIQCKGGLKGALQFNSHTLHQWLKDKNKGEIYDAAIDLFTRSCAGYCVATFILGIGDRHNSNIMVKDDGQLFHI
DFGHFLDHKKKKFGYKRERVPFVLTQDFLIVISKGAQECTKTREFERFQEMCYKAYLAIRQHANLFINLFSMMLGSGMPE
LQSFDDIAYIRKTLALDKTEQEALEYFMKQMNDARHGGWTTKMDWIFHTIKQHALN
;
A
2 'polypeptide(L)'
;MAEGYQYRALYDYKKEREEDIDLHLGDILTVNKGSLVALGFSDGQEARPEEIGWLNGYNETTGERGDFPGTYVEYIGRKK
ISPPTPKPRPPRPLPVAPGSSKTEADVEQQALTLPDLAEQFAPPDIAPPLLIKLVEAIEKKGLECSTLYRTQSSSNLAEL
RQLLDCDTPSVDLEMIDVHVLADAFKRYLLDLPNPVIPAAVYSEMISLAPEVQSSEEYIQLLKKLIRSPSIPHQYWLTLQ
YLLKHFFKLSQTSSKNLLNARVLSEIFSPMLFRFSAASSDNTENLIKVIEILISTEWNERQPAPALPPKPPKPTTVANNG
MNNNMSLQDAEWYWGDISREEVNEKLRDTADGTFLVRDASTKMHGDYTLTLRKGGNNKLIKIFHRDGKYGFSDPLTFSSV
VELINHYRNESLAQYNPKLDVKLLYPVSKYQQDQVVKEDNIEAVGKKLHEYNTQFQEKSREYDRLYEEYTRTSQEIQMKR
TAIEAFNETIKIFEEQCQTQERYSKEYIEKFKREGNEKEIQRIMHNYDKLKSRISEIIDSRRRLEEDLKKQAAEYREIDK
RMNSIKPDLIQLRKTRDQYLMWLTQKGVRQKKLNEWLGNENTEDQYSLVEDDEDLPHHDEKTWNVGSSNRNKAENLLRGK
RDGTFLVRESSKQGCYACSVVVDGEVKHCVINKTATGYGFAEPYNLYSSLKELVLHYQHTSLVQHNDSLNVTLAYPVYAQ
QRR
;
B
#
# COMPACT_ATOMS: atom_id res chain seq x y z
N PRO A 46 -24.95 33.72 6.16
CA PRO A 46 -24.85 34.68 7.26
C PRO A 46 -23.55 35.48 7.23
N ARG A 47 -23.60 36.70 7.75
CA ARG A 47 -22.43 37.55 7.79
C ARG A 47 -21.40 37.00 8.78
N ILE A 48 -20.13 37.05 8.39
CA ILE A 48 -19.03 36.52 9.19
C ILE A 48 -18.02 37.59 9.57
N LEU A 49 -18.27 38.84 9.22
CA LEU A 49 -17.42 39.98 9.58
C LEU A 49 -15.99 39.78 9.07
N VAL A 50 -15.87 39.72 7.74
CA VAL A 50 -14.57 39.57 7.11
C VAL A 50 -13.74 40.83 7.34
N GLU A 51 -12.46 40.63 7.67
CA GLU A 51 -11.51 41.71 7.84
C GLU A 51 -10.71 41.85 6.53
N CYS A 52 -10.97 42.92 5.80
CA CYS A 52 -10.35 43.15 4.50
C CYS A 52 -9.17 44.11 4.65
N LEU A 53 -8.09 43.81 3.94
CA LEU A 53 -6.81 44.51 4.08
C LEU A 53 -6.54 45.23 2.76
N LEU A 54 -6.88 46.52 2.71
CA LEU A 54 -6.68 47.32 1.52
C LEU A 54 -5.20 47.58 1.30
N PRO A 55 -4.81 47.94 0.07
CA PRO A 55 -3.41 48.30 -0.17
C PRO A 55 -2.91 49.44 0.70
N ASN A 56 -3.78 50.38 1.07
CA ASN A 56 -3.38 51.43 2.00
C ASN A 56 -3.07 50.86 3.38
N GLY A 57 -3.90 49.95 3.86
CA GLY A 57 -3.64 49.30 5.14
C GLY A 57 -4.80 49.36 6.12
N MET A 58 -5.78 50.20 5.84
CA MET A 58 -6.92 50.34 6.75
C MET A 58 -7.80 49.09 6.68
N ILE A 59 -8.12 48.53 7.85
CA ILE A 59 -8.94 47.33 7.91
C ILE A 59 -10.39 47.69 7.57
N VAL A 60 -11.07 46.79 6.90
CA VAL A 60 -12.46 46.97 6.49
C VAL A 60 -13.29 45.86 7.09
N THR A 61 -14.36 46.22 7.81
CA THR A 61 -15.31 45.25 8.35
C THR A 61 -16.38 45.03 7.30
N LEU A 62 -16.35 43.86 6.66
CA LEU A 62 -17.26 43.55 5.57
C LEU A 62 -18.23 42.46 6.01
N GLU A 63 -19.48 42.58 5.55
CA GLU A 63 -20.52 41.59 5.82
C GLU A 63 -21.00 41.01 4.51
N CYS A 64 -20.91 39.68 4.37
CA CYS A 64 -21.31 39.00 3.16
C CYS A 64 -21.94 37.66 3.52
N LEU A 65 -22.75 37.14 2.61
CA LEU A 65 -23.35 35.84 2.80
C LEU A 65 -22.29 34.75 2.77
N ARG A 66 -22.56 33.66 3.50
CA ARG A 66 -21.61 32.56 3.58
C ARG A 66 -21.35 31.94 2.21
N GLU A 67 -22.37 31.91 1.35
CA GLU A 67 -22.24 31.44 -0.03
C GLU A 67 -22.11 32.67 -0.92
N ALA A 68 -20.87 33.08 -1.19
CA ALA A 68 -20.62 34.29 -1.97
C ALA A 68 -19.44 34.06 -2.90
N THR A 69 -19.56 34.57 -4.13
CA THR A 69 -18.49 34.51 -5.09
C THR A 69 -17.39 35.51 -4.74
N LEU A 70 -16.15 35.18 -5.09
CA LEU A 70 -15.02 36.03 -4.74
C LEU A 70 -15.12 37.41 -5.38
N ILE A 71 -15.54 37.46 -6.64
CA ILE A 71 -15.59 38.73 -7.36
C ILE A 71 -16.66 39.65 -6.75
N THR A 72 -17.78 39.08 -6.29
CA THR A 72 -18.79 39.88 -5.62
C THR A 72 -18.25 40.48 -4.33
N ILE A 73 -17.49 39.69 -3.57
CA ILE A 73 -16.88 40.21 -2.34
C ILE A 73 -15.88 41.31 -2.67
N LYS A 74 -15.13 41.15 -3.75
CA LYS A 74 -14.17 42.18 -4.15
C LYS A 74 -14.88 43.48 -4.53
N HIS A 75 -15.96 43.37 -5.29
CA HIS A 75 -16.74 44.55 -5.67
C HIS A 75 -17.32 45.24 -4.44
N GLU A 76 -17.89 44.45 -3.51
CA GLU A 76 -18.42 45.03 -2.29
C GLU A 76 -17.32 45.69 -1.47
N LEU A 77 -16.12 45.11 -1.49
CA LEU A 77 -15.01 45.69 -0.74
C LEU A 77 -14.61 47.05 -1.29
N PHE A 78 -14.52 47.18 -2.62
CA PHE A 78 -14.23 48.50 -3.17
C PHE A 78 -15.39 49.48 -2.96
N LYS A 79 -16.63 48.98 -2.98
CA LYS A 79 -17.76 49.85 -2.70
C LYS A 79 -17.68 50.40 -1.27
N GLU A 80 -17.30 49.55 -0.31
CA GLU A 80 -17.14 50.01 1.07
C GLU A 80 -15.93 50.92 1.21
N ALA A 81 -14.84 50.62 0.50
CA ALA A 81 -13.64 51.46 0.57
C ALA A 81 -13.88 52.83 -0.03
N ARG A 82 -14.85 52.95 -0.94
CA ARG A 82 -15.25 54.28 -1.41
C ARG A 82 -15.69 55.15 -0.24
N LYS A 83 -16.37 54.56 0.74
CA LYS A 83 -16.70 55.29 1.96
C LYS A 83 -15.46 55.52 2.83
N TYR A 84 -14.50 54.61 2.78
CA TYR A 84 -13.31 54.72 3.60
C TYR A 84 -12.43 55.88 3.13
N PRO A 85 -11.65 56.46 4.03
CA PRO A 85 -10.78 57.57 3.63
C PRO A 85 -9.64 57.11 2.75
N LEU A 86 -9.03 58.09 2.06
CA LEU A 86 -7.91 57.85 1.14
C LEU A 86 -8.31 56.90 0.03
N HIS A 87 -9.55 57.03 -0.46
CA HIS A 87 -10.01 56.19 -1.56
C HIS A 87 -9.33 56.55 -2.87
N GLN A 88 -8.90 57.81 -3.02
CA GLN A 88 -8.25 58.23 -4.26
C GLN A 88 -6.94 57.49 -4.50
N LEU A 89 -6.29 57.04 -3.42
CA LEU A 89 -5.04 56.30 -3.58
C LEU A 89 -5.27 54.93 -4.21
N LEU A 90 -6.45 54.34 -4.01
CA LEU A 90 -6.74 53.02 -4.53
C LEU A 90 -6.80 53.04 -6.06
N GLN A 91 -6.29 51.97 -6.67
CA GLN A 91 -6.29 51.83 -8.12
C GLN A 91 -7.56 51.09 -8.57
N ASP A 92 -7.58 50.67 -9.83
CA ASP A 92 -8.76 50.04 -10.40
C ASP A 92 -9.00 48.66 -9.78
N GLU A 93 -10.27 48.24 -9.80
CA GLU A 93 -10.66 46.96 -9.22
C GLU A 93 -9.99 45.79 -9.94
N SER A 94 -9.90 45.87 -11.27
CA SER A 94 -9.37 44.75 -12.04
C SER A 94 -7.92 44.45 -11.70
N SER A 95 -7.13 45.49 -11.45
CA SER A 95 -5.69 45.31 -11.23
C SER A 95 -5.42 44.46 -9.98
N TYR A 96 -6.16 44.69 -8.90
CA TYR A 96 -5.86 44.07 -7.63
C TYR A 96 -6.37 42.62 -7.59
N ILE A 97 -5.98 41.91 -6.53
CA ILE A 97 -6.36 40.51 -6.36
C ILE A 97 -6.32 40.19 -4.87
N PHE A 98 -7.00 39.10 -4.49
CA PHE A 98 -7.16 38.70 -3.10
C PHE A 98 -6.04 37.75 -2.66
N VAL A 99 -5.82 37.74 -1.35
CA VAL A 99 -4.88 36.84 -0.69
C VAL A 99 -5.49 36.38 0.63
N SER A 100 -5.34 35.10 0.95
CA SER A 100 -5.86 34.55 2.19
C SER A 100 -4.95 33.46 2.70
N VAL A 101 -5.10 33.12 3.98
CA VAL A 101 -4.33 32.08 4.64
C VAL A 101 -5.27 30.91 4.94
N THR A 102 -4.91 29.73 4.45
CA THR A 102 -5.73 28.55 4.60
C THR A 102 -5.50 27.89 5.95
N GLN A 103 -6.37 26.94 6.29
CA GLN A 103 -6.18 26.13 7.49
C GLN A 103 -4.98 25.22 7.39
N GLU A 104 -4.42 25.03 6.19
CA GLU A 104 -3.21 24.25 5.99
C GLU A 104 -1.94 25.07 6.20
N ALA A 105 -2.04 26.19 6.91
CA ALA A 105 -0.89 27.01 7.29
C ALA A 105 -0.13 27.54 6.08
N GLU A 106 -0.83 27.78 4.97
CA GLU A 106 -0.23 28.30 3.76
C GLU A 106 -1.11 29.40 3.19
N ARG A 107 -0.49 30.30 2.42
CA ARG A 107 -1.19 31.42 1.81
C ARG A 107 -1.43 31.13 0.34
N GLU A 108 -2.57 31.58 -0.17
CA GLU A 108 -2.93 31.42 -1.57
C GLU A 108 -3.56 32.71 -2.08
N GLU A 109 -3.13 33.14 -3.27
CA GLU A 109 -3.69 34.31 -3.93
C GLU A 109 -4.60 33.84 -5.05
N PHE A 110 -5.90 34.04 -4.86
CA PHE A 110 -6.90 33.51 -5.79
C PHE A 110 -6.87 34.31 -7.09
N PHE A 111 -6.16 33.80 -8.09
CA PHE A 111 -6.06 34.48 -9.37
C PHE A 111 -7.42 34.56 -10.06
N ASP A 112 -8.09 33.42 -10.20
CA ASP A 112 -9.43 33.35 -10.80
C ASP A 112 -10.19 32.30 -10.00
N GLU A 113 -10.91 32.75 -8.97
CA GLU A 113 -11.66 31.87 -8.09
C GLU A 113 -13.12 32.30 -8.07
N THR A 114 -14.00 31.39 -8.44
CA THR A 114 -15.44 31.57 -8.29
C THR A 114 -16.00 30.80 -7.11
N ARG A 115 -15.13 30.30 -6.23
CA ARG A 115 -15.53 29.43 -5.14
C ARG A 115 -16.23 30.22 -4.03
N ARG A 116 -17.03 29.51 -3.25
CA ARG A 116 -17.72 30.09 -2.11
C ARG A 116 -16.77 30.25 -0.93
N LEU A 117 -17.25 30.93 0.11
CA LEU A 117 -16.42 31.15 1.30
C LEU A 117 -16.06 29.83 1.96
N CYS A 118 -17.02 28.90 2.04
CA CYS A 118 -16.72 27.57 2.57
C CYS A 118 -15.67 26.86 1.74
N ASP A 119 -15.72 27.04 0.41
CA ASP A 119 -14.75 26.43 -0.47
C ASP A 119 -13.37 27.08 -0.37
N LEU A 120 -13.29 28.32 0.14
CA LEU A 120 -12.00 28.96 0.31
C LEU A 120 -11.22 28.35 1.48
N ARG A 121 -11.92 27.75 2.44
CA ARG A 121 -11.37 27.15 3.65
C ARG A 121 -10.27 28.00 4.28
N LEU A 122 -10.45 29.32 4.25
CA LEU A 122 -9.46 30.21 4.83
C LEU A 122 -9.42 30.05 6.34
N PHE A 123 -8.22 30.14 6.92
CA PHE A 123 -8.04 29.89 8.34
C PHE A 123 -8.73 30.96 9.18
N GLN A 124 -8.48 32.23 8.88
CA GLN A 124 -9.08 33.33 9.61
C GLN A 124 -9.86 34.21 8.65
N PRO A 125 -10.97 34.79 9.10
CA PRO A 125 -11.79 35.62 8.19
C PRO A 125 -11.12 36.92 7.82
N PHE A 126 -10.13 36.86 6.94
CA PHE A 126 -9.44 38.05 6.46
C PHE A 126 -9.12 37.88 4.98
N LEU A 127 -8.92 39.02 4.31
CA LEU A 127 -8.74 39.04 2.86
C LEU A 127 -7.82 40.21 2.51
N LYS A 128 -6.55 39.90 2.26
CA LYS A 128 -5.60 40.91 1.80
C LYS A 128 -5.85 41.24 0.33
N VAL A 129 -5.52 42.46 -0.07
CA VAL A 129 -5.65 42.91 -1.45
C VAL A 129 -4.29 43.43 -1.91
N ILE A 130 -3.72 42.79 -2.93
CA ILE A 130 -2.42 43.17 -3.46
C ILE A 130 -2.42 43.01 -4.98
N GLU A 131 -1.36 43.50 -5.60
CA GLU A 131 -1.19 43.34 -7.04
C GLU A 131 -0.65 41.95 -7.36
N PRO A 132 -1.34 41.17 -8.18
CA PRO A 132 -0.84 39.83 -8.51
C PRO A 132 0.44 39.87 -9.32
N VAL A 133 1.28 38.86 -9.11
CA VAL A 133 2.55 38.76 -9.83
C VAL A 133 2.72 37.44 -10.57
N GLY A 134 2.07 36.36 -10.17
CA GLY A 134 2.24 35.07 -10.79
C GLY A 134 1.37 34.91 -12.04
N ASN A 135 1.28 33.66 -12.48
CA ASN A 135 0.51 33.31 -13.67
C ASN A 135 -0.82 32.71 -13.26
N ARG A 136 -1.89 33.10 -13.96
CA ARG A 136 -3.23 32.63 -13.62
C ARG A 136 -3.34 31.11 -13.78
N GLU A 137 -2.96 30.61 -14.96
CA GLU A 137 -3.07 29.18 -15.22
C GLU A 137 -2.19 28.37 -14.28
N GLU A 138 -0.96 28.84 -14.07
CA GLU A 138 -0.04 28.13 -13.19
C GLU A 138 -0.60 28.03 -11.78
N LYS A 139 -1.10 29.14 -11.24
CA LYS A 139 -1.57 29.13 -9.87
C LYS A 139 -2.84 28.30 -9.72
N ILE A 140 -3.76 28.38 -10.70
CA ILE A 140 -4.97 27.58 -10.56
C ILE A 140 -4.66 26.09 -10.68
N LEU A 141 -3.74 25.73 -11.57
CA LEU A 141 -3.32 24.34 -11.66
C LEU A 141 -2.68 23.87 -10.37
N ASN A 142 -1.84 24.72 -9.76
CA ASN A 142 -1.21 24.35 -8.49
C ASN A 142 -2.24 24.18 -7.39
N ARG A 143 -3.25 25.05 -7.35
CA ARG A 143 -4.31 24.89 -6.35
C ARG A 143 -5.07 23.58 -6.55
N GLU A 144 -5.36 23.24 -7.81
CA GLU A 144 -6.06 21.99 -8.08
C GLU A 144 -5.22 20.78 -7.67
N ILE A 145 -3.93 20.79 -8.02
CA ILE A 145 -3.04 19.69 -7.66
C ILE A 145 -2.92 19.59 -6.15
N GLY A 146 -2.85 20.72 -5.46
CA GLY A 146 -2.76 20.69 -4.01
C GLY A 146 -4.02 20.14 -3.35
N PHE A 147 -5.18 20.46 -3.90
CA PHE A 147 -6.41 19.87 -3.36
C PHE A 147 -6.50 18.39 -3.66
N ALA A 148 -5.97 17.95 -4.80
CA ALA A 148 -5.98 16.53 -5.13
C ALA A 148 -5.04 15.75 -4.22
N ILE A 149 -3.83 16.25 -4.01
CA ILE A 149 -2.85 15.56 -3.17
C ILE A 149 -3.25 15.62 -1.70
N GLY A 150 -3.65 16.80 -1.23
CA GLY A 150 -3.95 17.02 0.16
C GLY A 150 -2.99 17.96 0.87
N MET A 151 -1.88 18.31 0.23
CA MET A 151 -0.92 19.26 0.75
C MET A 151 -0.50 20.22 -0.36
N PRO A 152 -0.23 21.48 -0.02
CA PRO A 152 0.07 22.47 -1.05
C PRO A 152 1.35 22.17 -1.80
N VAL A 153 1.38 22.58 -3.07
CA VAL A 153 2.54 22.36 -3.91
C VAL A 153 3.73 23.21 -3.48
N CYS A 154 3.49 24.28 -2.73
CA CYS A 154 4.59 25.14 -2.29
C CYS A 154 5.47 24.45 -1.24
N GLU A 155 4.89 23.54 -0.46
CA GLU A 155 5.68 22.82 0.52
C GLU A 155 6.78 22.00 -0.14
N PHE A 156 6.51 21.43 -1.31
CA PHE A 156 7.55 20.74 -2.05
C PHE A 156 8.61 21.71 -2.56
N ASP A 157 8.27 22.99 -2.72
CA ASP A 157 9.29 23.99 -3.06
C ASP A 157 10.14 24.38 -1.87
N MET A 158 9.56 24.40 -0.66
CA MET A 158 10.37 24.71 0.52
C MET A 158 11.40 23.62 0.78
N VAL A 159 11.10 22.37 0.39
CA VAL A 159 12.01 21.26 0.63
C VAL A 159 13.27 21.45 -0.20
N LYS A 160 14.40 21.67 0.49
CA LYS A 160 15.67 22.03 -0.14
C LYS A 160 16.55 20.82 -0.45
N ASP A 161 16.09 19.61 -0.20
CA ASP A 161 16.87 18.41 -0.46
C ASP A 161 17.14 18.28 -1.96
N PRO A 162 18.40 18.24 -2.39
CA PRO A 162 18.68 18.26 -3.84
C PRO A 162 18.06 17.12 -4.62
N GLU A 163 17.92 15.93 -4.02
CA GLU A 163 17.31 14.83 -4.74
C GLU A 163 15.84 15.09 -5.04
N VAL A 164 15.15 15.80 -4.15
CA VAL A 164 13.76 16.16 -4.40
C VAL A 164 13.66 17.07 -5.63
N GLN A 165 14.51 18.10 -5.69
CA GLN A 165 14.44 19.03 -6.80
C GLN A 165 14.86 18.37 -8.12
N ASP A 166 15.87 17.51 -8.07
CA ASP A 166 16.26 16.79 -9.28
C ASP A 166 15.14 15.86 -9.75
N PHE A 167 14.45 15.20 -8.82
CA PHE A 167 13.33 14.35 -9.17
C PHE A 167 12.21 15.18 -9.83
N ARG A 168 11.86 16.32 -9.22
CA ARG A 168 10.79 17.15 -9.76
C ARG A 168 11.14 17.66 -11.16
N ARG A 169 12.39 18.07 -11.37
CA ARG A 169 12.75 18.58 -12.68
C ARG A 169 12.87 17.46 -13.72
N ASN A 170 13.30 16.27 -13.32
CA ASN A 170 13.65 15.23 -14.28
C ASN A 170 12.53 14.25 -14.58
N ILE A 171 11.53 14.12 -13.71
CA ILE A 171 10.39 13.27 -14.02
C ILE A 171 9.47 13.94 -15.03
N LEU A 172 9.62 15.24 -15.24
CA LEU A 172 8.85 15.93 -16.27
C LEU A 172 9.18 15.45 -17.66
N ASN A 173 10.37 14.86 -17.87
CA ASN A 173 10.64 14.24 -19.15
C ASN A 173 9.71 13.05 -19.39
N VAL A 174 9.49 12.23 -18.36
CA VAL A 174 8.55 11.12 -18.47
C VAL A 174 7.14 11.66 -18.68
N CYS A 175 6.76 12.68 -17.92
CA CYS A 175 5.42 13.26 -18.07
C CYS A 175 5.20 13.77 -19.50
N LYS A 176 6.17 14.53 -20.02
CA LYS A 176 6.02 15.11 -21.35
C LYS A 176 6.04 14.04 -22.43
N GLU A 177 6.87 13.01 -22.27
CA GLU A 177 6.88 11.96 -23.29
C GLU A 177 5.57 11.19 -23.30
N ALA A 178 5.00 10.92 -22.13
CA ALA A 178 3.69 10.27 -22.09
C ALA A 178 2.63 11.15 -22.72
N VAL A 179 2.65 12.46 -22.44
CA VAL A 179 1.66 13.36 -23.02
C VAL A 179 1.82 13.43 -24.55
N ASP A 180 3.05 13.49 -25.03
CA ASP A 180 3.29 13.50 -26.47
C ASP A 180 2.82 12.21 -27.12
N LEU A 181 2.99 11.08 -26.44
CA LEU A 181 2.47 9.81 -26.94
C LEU A 181 0.94 9.84 -26.97
N ARG A 182 0.32 10.50 -26.00
CA ARG A 182 -1.13 10.60 -25.95
C ARG A 182 -1.70 11.33 -27.16
N ASP A 183 -0.90 12.18 -27.81
CA ASP A 183 -1.37 13.06 -28.87
C ASP A 183 -0.84 12.66 -30.24
N LEU A 184 -0.45 11.39 -30.41
CA LEU A 184 0.17 10.99 -31.67
C LEU A 184 -0.86 10.87 -32.78
N ASN A 185 -2.04 10.32 -32.47
CA ASN A 185 -3.08 10.05 -33.45
C ASN A 185 -4.43 10.52 -32.94
N SER A 186 -4.48 11.76 -32.45
CA SER A 186 -5.72 12.30 -31.91
C SER A 186 -6.75 12.44 -33.03
N PRO A 187 -8.05 12.29 -32.69
CA PRO A 187 -8.58 12.03 -31.35
C PRO A 187 -8.64 10.56 -31.00
N HIS A 188 -8.07 9.71 -31.86
CA HIS A 188 -8.08 8.27 -31.58
C HIS A 188 -7.20 7.93 -30.38
N SER A 189 -6.00 8.52 -30.33
CA SER A 189 -5.11 8.27 -29.21
C SER A 189 -5.69 8.79 -27.91
N ARG A 190 -6.30 9.98 -27.93
CA ARG A 190 -6.97 10.49 -26.75
C ARG A 190 -8.13 9.60 -26.34
N ALA A 191 -8.81 9.01 -27.32
CA ALA A 191 -9.88 8.07 -27.02
C ALA A 191 -9.34 6.83 -26.32
N MET A 192 -8.21 6.33 -26.79
CA MET A 192 -7.56 5.21 -26.10
C MET A 192 -7.16 5.59 -24.68
N TYR A 193 -6.61 6.78 -24.51
CA TYR A 193 -6.22 7.22 -23.17
C TYR A 193 -7.41 7.30 -22.22
N VAL A 194 -8.45 8.03 -22.60
CA VAL A 194 -9.55 8.26 -21.68
C VAL A 194 -10.36 6.99 -21.46
N TYR A 195 -10.66 6.27 -22.55
CA TYR A 195 -11.46 5.05 -22.52
C TYR A 195 -10.59 3.92 -23.07
N PRO A 196 -9.90 3.18 -22.20
CA PRO A 196 -9.00 2.14 -22.68
C PRO A 196 -9.71 0.80 -22.80
N PRO A 197 -9.32 -0.04 -23.75
CA PRO A 197 -9.95 -1.36 -23.88
C PRO A 197 -9.76 -2.20 -22.64
N ASN A 198 -10.88 -2.67 -22.07
CA ASN A 198 -10.85 -3.56 -20.91
C ASN A 198 -10.83 -5.00 -21.41
N VAL A 199 -9.67 -5.42 -21.91
CA VAL A 199 -9.52 -6.72 -22.56
C VAL A 199 -8.68 -7.64 -21.69
N GLU A 200 -8.91 -8.94 -21.87
CA GLU A 200 -8.05 -9.96 -21.29
C GLU A 200 -6.76 -10.07 -22.10
N SER A 201 -5.74 -10.64 -21.47
CA SER A 201 -4.49 -10.94 -22.16
C SER A 201 -4.56 -12.21 -22.99
N SER A 202 -5.62 -13.00 -22.84
CA SER A 202 -5.74 -14.28 -23.52
C SER A 202 -6.73 -14.19 -24.67
N PRO A 203 -6.28 -14.21 -25.93
CA PRO A 203 -7.23 -14.20 -27.05
C PRO A 203 -7.90 -15.54 -27.24
N GLU A 204 -7.17 -16.63 -27.00
CA GLU A 204 -7.70 -17.97 -27.18
C GLU A 204 -8.60 -18.33 -26.00
N LEU A 205 -9.84 -18.70 -26.31
CA LEU A 205 -10.84 -18.86 -25.26
C LEU A 205 -10.59 -20.17 -24.49
N PRO A 206 -10.83 -20.17 -23.18
CA PRO A 206 -10.83 -21.43 -22.44
C PRO A 206 -11.91 -22.38 -22.96
N LYS A 207 -11.61 -23.68 -22.89
CA LYS A 207 -12.49 -24.66 -23.53
C LYS A 207 -13.84 -24.78 -22.84
N HIS A 208 -13.91 -24.49 -21.54
CA HIS A 208 -15.18 -24.64 -20.83
C HIS A 208 -16.19 -23.58 -21.28
N ILE A 209 -15.77 -22.31 -21.34
CA ILE A 209 -16.68 -21.28 -21.85
C ILE A 209 -16.84 -21.39 -23.36
N TYR A 210 -15.87 -22.00 -24.05
CA TYR A 210 -16.07 -22.32 -25.46
C TYR A 210 -17.22 -23.30 -25.63
N ASN A 211 -17.31 -24.30 -24.75
CA ASN A 211 -18.44 -25.21 -24.76
C ASN A 211 -19.72 -24.51 -24.28
N LYS A 212 -19.58 -23.47 -23.45
CA LYS A 212 -20.75 -22.71 -23.04
C LYS A 212 -21.40 -22.02 -24.23
N LEU A 213 -20.59 -21.52 -25.16
CA LEU A 213 -21.11 -20.96 -26.39
C LEU A 213 -21.57 -22.06 -27.33
N ASP A 214 -22.61 -21.75 -28.11
CA ASP A 214 -23.17 -22.70 -29.09
C ASP A 214 -22.44 -22.51 -30.40
N LYS A 215 -21.60 -23.50 -30.77
CA LYS A 215 -20.79 -23.46 -31.98
C LYS A 215 -19.82 -22.27 -31.95
N GLY A 216 -19.60 -21.70 -30.76
CA GLY A 216 -18.87 -20.46 -30.67
C GLY A 216 -19.62 -19.30 -31.28
N GLN A 217 -20.95 -19.27 -31.12
CA GLN A 217 -21.79 -18.18 -31.58
C GLN A 217 -22.41 -17.50 -30.37
N ILE A 218 -22.19 -16.19 -30.25
CA ILE A 218 -22.76 -15.38 -29.18
C ILE A 218 -23.85 -14.51 -29.78
N ILE A 219 -24.96 -14.41 -29.07
CA ILE A 219 -26.09 -13.57 -29.45
C ILE A 219 -26.01 -12.27 -28.66
N VAL A 220 -25.90 -11.16 -29.37
CA VAL A 220 -25.76 -9.83 -28.80
C VAL A 220 -26.91 -8.96 -29.28
N VAL A 221 -27.48 -8.18 -28.37
CA VAL A 221 -28.54 -7.24 -28.70
C VAL A 221 -27.90 -5.88 -28.95
N ILE A 222 -27.77 -5.50 -30.22
CA ILE A 222 -27.23 -4.20 -30.58
C ILE A 222 -28.35 -3.17 -30.49
N TRP A 223 -28.18 -2.19 -29.62
CA TRP A 223 -29.14 -1.09 -29.50
C TRP A 223 -28.64 0.11 -30.29
N VAL A 224 -29.50 0.63 -31.15
CA VAL A 224 -29.22 1.85 -31.90
C VAL A 224 -30.30 2.87 -31.52
N ILE A 225 -29.86 4.07 -31.16
CA ILE A 225 -30.75 5.15 -30.78
C ILE A 225 -30.69 6.29 -31.79
N VAL A 226 -30.16 6.03 -32.99
CA VAL A 226 -30.04 7.06 -34.01
C VAL A 226 -31.43 7.35 -34.56
N SER A 227 -32.06 8.41 -34.05
CA SER A 227 -33.43 8.75 -34.37
C SER A 227 -33.68 10.18 -33.91
N PRO A 228 -34.73 10.84 -34.40
CA PRO A 228 -35.07 12.17 -33.86
C PRO A 228 -35.35 12.15 -32.37
N ASN A 229 -35.91 11.07 -31.85
CA ASN A 229 -36.11 10.88 -30.42
C ASN A 229 -35.67 9.49 -30.02
N ASN A 230 -35.31 9.34 -28.75
CA ASN A 230 -34.82 8.05 -28.25
C ASN A 230 -35.95 7.03 -28.27
N ASP A 231 -35.78 5.97 -29.07
CA ASP A 231 -36.78 4.92 -29.17
C ASP A 231 -36.21 3.52 -28.99
N LYS A 232 -34.90 3.38 -28.82
CA LYS A 232 -34.24 2.12 -28.48
C LYS A 232 -34.52 1.04 -29.53
N GLN A 233 -34.00 1.28 -30.73
CA GLN A 233 -34.06 0.27 -31.78
C GLN A 233 -33.18 -0.92 -31.40
N LYS A 234 -33.72 -2.13 -31.52
CA LYS A 234 -33.01 -3.34 -31.15
C LYS A 234 -32.77 -4.19 -32.38
N TYR A 235 -31.54 -4.68 -32.52
CA TYR A 235 -31.20 -5.68 -33.54
C TYR A 235 -30.53 -6.85 -32.86
N THR A 236 -31.07 -8.04 -33.06
CA THR A 236 -30.49 -9.24 -32.47
C THR A 236 -29.49 -9.84 -33.43
N LEU A 237 -28.29 -10.14 -32.92
CA LEU A 237 -27.18 -10.62 -33.72
C LEU A 237 -26.71 -11.95 -33.16
N LYS A 238 -26.33 -12.87 -34.05
CA LYS A 238 -25.69 -14.12 -33.65
C LYS A 238 -24.40 -14.23 -34.46
N ILE A 239 -23.28 -13.90 -33.82
CA ILE A 239 -22.00 -13.82 -34.51
C ILE A 239 -20.97 -14.59 -33.70
N ASN A 240 -19.92 -15.04 -34.40
CA ASN A 240 -18.84 -15.77 -33.72
C ASN A 240 -18.12 -14.84 -32.76
N HIS A 241 -17.58 -15.43 -31.69
CA HIS A 241 -16.92 -14.63 -30.66
C HIS A 241 -15.57 -14.08 -31.10
N ASP A 242 -15.06 -14.53 -32.25
CA ASP A 242 -13.75 -14.10 -32.72
C ASP A 242 -13.80 -12.90 -33.65
N CYS A 243 -14.99 -12.33 -33.90
CA CYS A 243 -15.11 -11.21 -34.82
C CYS A 243 -14.61 -9.92 -34.19
N VAL A 244 -13.89 -9.13 -34.99
CA VAL A 244 -13.36 -7.83 -34.56
C VAL A 244 -14.51 -6.83 -34.50
N PRO A 245 -14.37 -5.71 -33.78
CA PRO A 245 -15.50 -4.77 -33.67
C PRO A 245 -15.99 -4.23 -35.00
N GLU A 246 -15.11 -4.05 -35.98
CA GLU A 246 -15.57 -3.52 -37.26
C GLU A 246 -16.52 -4.48 -37.97
N GLN A 247 -16.32 -5.79 -37.80
CA GLN A 247 -17.25 -6.76 -38.39
C GLN A 247 -18.60 -6.71 -37.69
N VAL A 248 -18.61 -6.53 -36.37
CA VAL A 248 -19.87 -6.33 -35.65
C VAL A 248 -20.57 -5.10 -36.18
N ILE A 249 -19.81 -4.03 -36.41
CA ILE A 249 -20.39 -2.79 -36.92
C ILE A 249 -21.03 -3.01 -38.28
N ALA A 250 -20.29 -3.65 -39.19
CA ALA A 250 -20.80 -3.86 -40.54
C ALA A 250 -22.04 -4.75 -40.53
N GLU A 251 -22.02 -5.84 -39.76
CA GLU A 251 -23.15 -6.75 -39.78
C GLU A 251 -24.36 -6.14 -39.07
N ALA A 252 -24.14 -5.34 -38.03
CA ALA A 252 -25.26 -4.63 -37.40
C ALA A 252 -25.82 -3.56 -38.32
N ILE A 253 -24.97 -2.93 -39.13
CA ILE A 253 -25.47 -1.99 -40.13
C ILE A 253 -26.36 -2.71 -41.14
N ARG A 254 -25.92 -3.88 -41.59
CA ARG A 254 -26.75 -4.67 -42.51
C ARG A 254 -28.06 -5.08 -41.85
N LYS A 255 -28.02 -5.43 -40.57
CA LYS A 255 -29.25 -5.77 -39.84
C LYS A 255 -30.19 -4.56 -39.77
N LYS A 256 -29.62 -3.38 -39.53
CA LYS A 256 -30.45 -2.15 -39.40
C LYS A 256 -30.99 -1.76 -40.76
N THR A 257 -30.31 -2.17 -41.84
CA THR A 257 -30.83 -1.89 -43.20
C THR A 257 -32.01 -2.82 -43.49
N ARG A 258 -32.35 -3.69 -42.54
CA ARG A 258 -33.55 -4.57 -42.71
C ARG A 258 -33.47 -5.23 -44.08
N SER A 259 -32.24 -5.55 -44.54
CA SER A 259 -32.03 -6.19 -45.85
C SER A 259 -30.56 -6.60 -45.94
N MET A 260 -29.69 -5.67 -46.37
CA MET A 260 -28.24 -5.94 -46.54
C MET A 260 -27.65 -4.77 -47.33
N LEU A 261 -27.84 -3.54 -46.87
CA LEU A 261 -27.31 -2.33 -47.56
C LEU A 261 -26.20 -2.75 -48.53
N LEU A 262 -25.12 -3.32 -48.02
CA LEU A 262 -23.98 -3.74 -48.87
C LEU A 262 -23.82 -5.26 -48.78
N TYR A 274 -21.09 4.87 -40.45
CA TYR A 274 -21.07 3.76 -41.40
C TYR A 274 -19.68 3.13 -41.48
N GLN A 275 -19.01 3.33 -42.61
CA GLN A 275 -17.67 2.78 -42.82
C GLN A 275 -16.67 3.67 -42.10
N GLY A 276 -16.21 3.22 -40.93
CA GLY A 276 -15.26 3.98 -40.15
C GLY A 276 -15.84 5.12 -39.35
N LYS A 277 -17.17 5.25 -39.29
CA LYS A 277 -17.83 6.32 -38.58
C LYS A 277 -18.62 5.85 -37.37
N TYR A 278 -18.41 4.60 -36.94
CA TYR A 278 -19.19 4.01 -35.88
C TYR A 278 -18.29 3.27 -34.89
N ILE A 279 -18.70 3.28 -33.61
CA ILE A 279 -18.05 2.54 -32.55
C ILE A 279 -19.12 1.93 -31.66
N LEU A 280 -18.66 1.10 -30.72
CA LEU A 280 -19.54 0.37 -29.80
C LEU A 280 -19.34 0.86 -28.38
N LYS A 281 -20.40 0.74 -27.58
CA LYS A 281 -20.33 1.09 -26.17
C LYS A 281 -21.08 0.04 -25.36
N VAL A 282 -20.57 -0.29 -24.18
CA VAL A 282 -21.31 -1.16 -23.28
C VAL A 282 -22.51 -0.40 -22.74
N CYS A 283 -23.69 -1.02 -22.81
CA CYS A 283 -24.88 -0.39 -22.28
C CYS A 283 -24.83 -0.32 -20.77
N GLY A 284 -25.08 0.87 -20.22
CA GLY A 284 -25.14 1.07 -18.78
C GLY A 284 -23.87 1.58 -18.14
N CYS A 285 -22.77 1.68 -18.89
CA CYS A 285 -21.54 2.24 -18.35
C CYS A 285 -20.71 2.78 -19.52
N ASP A 286 -19.61 3.43 -19.17
CA ASP A 286 -18.77 4.09 -20.17
C ASP A 286 -17.59 3.20 -20.57
N GLU A 287 -17.92 2.05 -21.15
CA GLU A 287 -16.93 1.14 -21.71
C GLU A 287 -17.14 1.07 -23.23
N TYR A 288 -16.05 1.09 -23.98
CA TYR A 288 -16.11 1.22 -25.43
C TYR A 288 -15.18 0.22 -26.09
N PHE A 289 -15.52 -0.18 -27.32
CA PHE A 289 -14.78 -1.17 -28.09
C PHE A 289 -14.13 -0.45 -29.28
N LEU A 290 -12.90 0.02 -29.09
CA LEU A 290 -12.18 0.75 -30.13
C LEU A 290 -10.99 0.02 -30.72
N GLU A 291 -10.50 -1.04 -30.07
CA GLU A 291 -9.27 -1.70 -30.49
C GLU A 291 -9.60 -2.98 -31.23
N LYS A 292 -8.84 -3.28 -32.28
CA LYS A 292 -9.06 -4.47 -33.10
C LYS A 292 -8.68 -5.70 -32.31
N TYR A 293 -9.65 -6.26 -31.61
CA TYR A 293 -9.48 -7.45 -30.80
C TYR A 293 -10.66 -8.38 -31.07
N PRO A 294 -10.51 -9.67 -30.78
CA PRO A 294 -11.69 -10.55 -30.79
C PRO A 294 -12.75 -10.01 -29.84
N LEU A 295 -14.00 -10.05 -30.30
CA LEU A 295 -15.09 -9.52 -29.48
C LEU A 295 -15.15 -10.21 -28.13
N SER A 296 -14.83 -11.50 -28.09
CA SER A 296 -14.80 -12.23 -26.83
C SER A 296 -13.71 -11.73 -25.90
N GLN A 297 -12.57 -11.28 -26.44
CA GLN A 297 -11.43 -10.93 -25.60
C GLN A 297 -11.78 -9.85 -24.59
N TYR A 298 -12.71 -8.96 -24.93
CA TYR A 298 -13.15 -7.95 -23.99
C TYR A 298 -13.82 -8.61 -22.79
N LYS A 299 -13.60 -8.04 -21.60
CA LYS A 299 -14.05 -8.68 -20.37
C LYS A 299 -15.56 -8.70 -20.26
N TYR A 300 -16.25 -7.73 -20.84
CA TYR A 300 -17.71 -7.73 -20.80
C TYR A 300 -18.27 -8.94 -21.55
N ILE A 301 -17.72 -9.23 -22.73
CA ILE A 301 -18.23 -10.34 -23.53
C ILE A 301 -17.92 -11.67 -22.86
N ARG A 302 -16.71 -11.84 -22.31
CA ARG A 302 -16.40 -13.05 -21.57
C ARG A 302 -17.29 -13.22 -20.34
N SER A 303 -17.55 -12.13 -19.62
CA SER A 303 -18.43 -12.23 -18.47
C SER A 303 -19.82 -12.66 -18.88
N CYS A 304 -20.32 -12.10 -19.99
CA CYS A 304 -21.65 -12.49 -20.48
C CYS A 304 -21.66 -13.95 -20.93
N ILE A 305 -20.58 -14.40 -21.59
CA ILE A 305 -20.48 -15.80 -22.01
C ILE A 305 -20.50 -16.73 -20.80
N MET A 306 -19.66 -16.43 -19.81
CA MET A 306 -19.50 -17.33 -18.67
C MET A 306 -20.73 -17.33 -17.78
N LEU A 307 -21.33 -16.18 -17.54
CA LEU A 307 -22.52 -16.11 -16.69
C LEU A 307 -23.80 -16.41 -17.44
N GLY A 308 -23.73 -16.66 -18.75
CA GLY A 308 -24.93 -16.89 -19.52
C GLY A 308 -25.86 -15.70 -19.56
N ARG A 309 -25.30 -14.50 -19.74
CA ARG A 309 -26.07 -13.27 -19.80
C ARG A 309 -26.13 -12.75 -21.23
N MET A 310 -27.13 -11.93 -21.51
CA MET A 310 -27.30 -11.38 -22.84
C MET A 310 -26.47 -10.11 -22.98
N PRO A 311 -25.50 -10.06 -23.90
CA PRO A 311 -24.68 -8.85 -24.05
C PRO A 311 -25.41 -7.79 -24.86
N ASN A 312 -25.47 -6.59 -24.31
CA ASN A 312 -26.11 -5.44 -24.94
C ASN A 312 -25.04 -4.40 -25.26
N LEU A 313 -24.95 -4.00 -26.52
CA LEU A 313 -23.99 -3.00 -26.97
C LEU A 313 -24.70 -1.91 -27.77
N MET A 314 -24.48 -0.66 -27.37
CA MET A 314 -24.98 0.48 -28.14
C MET A 314 -24.06 0.76 -29.33
N LEU A 315 -24.65 1.01 -30.48
CA LEU A 315 -23.91 1.51 -31.63
C LEU A 315 -23.98 3.03 -31.63
N MET A 316 -22.81 3.68 -31.62
CA MET A 316 -22.76 5.13 -31.50
C MET A 316 -21.78 5.69 -32.53
N ALA A 317 -21.83 7.01 -32.71
CA ALA A 317 -21.00 7.69 -33.68
C ALA A 317 -19.67 8.10 -33.06
N LYS A 318 -18.63 8.14 -33.90
CA LYS A 318 -17.31 8.53 -33.42
C LYS A 318 -17.31 10.00 -32.96
N GLU A 319 -18.06 10.85 -33.67
CA GLU A 319 -18.00 12.28 -33.41
C GLU A 319 -18.55 12.64 -32.03
N SER A 320 -19.57 11.95 -31.56
CA SER A 320 -20.09 12.22 -30.22
C SER A 320 -19.02 11.94 -29.16
N LEU A 321 -18.34 10.80 -29.29
CA LEU A 321 -17.25 10.49 -28.36
C LEU A 321 -16.13 11.51 -28.47
N TYR A 322 -15.77 11.89 -29.70
CA TYR A 322 -14.66 12.83 -29.88
C TYR A 322 -14.98 14.19 -29.27
N SER A 323 -16.22 14.64 -29.41
CA SER A 323 -16.64 15.87 -28.74
C SER A 323 -16.67 15.70 -27.23
N GLN A 324 -16.97 14.49 -26.75
CA GLN A 324 -16.99 14.25 -25.31
C GLN A 324 -15.61 14.34 -24.67
N LEU A 325 -14.54 14.34 -25.45
CA LEU A 325 -13.17 14.31 -24.93
C LEU A 325 -12.44 15.60 -25.22
N PRO A 326 -12.21 16.45 -24.22
CA PRO A 326 -11.44 17.68 -24.47
C PRO A 326 -9.96 17.38 -24.69
N MET A 327 -9.27 18.38 -25.27
CA MET A 327 -7.86 18.26 -25.56
C MET A 327 -7.02 18.20 -24.28
N ASP A 328 -5.94 17.45 -24.33
CA ASP A 328 -4.98 17.35 -23.24
C ASP A 328 -3.69 18.07 -23.66
N CYS A 329 -3.31 19.08 -22.90
CA CYS A 329 -2.09 19.84 -23.15
C CYS A 329 -1.30 19.97 -21.86
N PHE A 330 0.01 19.79 -21.98
CA PHE A 330 0.92 19.85 -20.83
C PHE A 330 1.87 21.02 -21.00
N THR A 331 2.03 21.82 -19.94
CA THR A 331 2.94 22.95 -19.92
C THR A 331 3.97 22.75 -18.81
N MET A 332 5.21 23.13 -19.11
CA MET A 332 6.27 23.05 -18.11
C MET A 332 5.92 23.92 -16.91
N PRO A 333 5.99 23.40 -15.68
CA PRO A 333 5.76 24.23 -14.51
C PRO A 333 6.92 25.17 -14.22
N SER A 334 6.83 25.93 -13.13
CA SER A 334 7.86 26.92 -12.83
C SER A 334 9.20 26.25 -12.54
N TYR A 335 9.19 25.12 -11.83
CA TYR A 335 10.43 24.49 -11.42
C TYR A 335 11.15 23.76 -12.55
N SER A 336 10.71 23.92 -13.80
CA SER A 336 11.39 23.27 -14.92
C SER A 336 12.71 23.95 -15.27
N ARG A 337 13.02 25.08 -14.65
CA ARG A 337 14.21 25.85 -15.01
C ARG A 337 15.40 25.52 -14.11
N ARG A 338 15.25 25.70 -12.81
CA ARG A 338 16.36 25.51 -11.87
C ARG A 338 16.73 24.05 -11.77
N SER A 351 38.54 15.46 -9.06
CA SER A 351 38.47 15.38 -7.59
C SER A 351 37.85 14.06 -7.16
N THR A 352 36.95 13.52 -7.99
CA THR A 352 36.29 12.27 -7.67
C THR A 352 37.27 11.11 -7.78
N LYS A 353 37.16 10.15 -6.87
CA LYS A 353 37.96 8.95 -6.86
C LYS A 353 37.05 7.73 -6.85
N SER A 354 37.47 6.69 -7.57
CA SER A 354 36.70 5.45 -7.58
C SER A 354 36.68 4.84 -6.19
N LEU A 355 35.54 4.24 -5.83
CA LEU A 355 35.42 3.64 -4.50
C LEU A 355 36.39 2.48 -4.33
N TRP A 356 36.73 1.78 -5.41
CA TRP A 356 37.60 0.63 -5.32
C TRP A 356 39.05 1.00 -5.00
N VAL A 357 39.45 2.24 -5.30
CA VAL A 357 40.83 2.66 -5.02
C VAL A 357 41.06 2.81 -3.52
N ILE A 358 40.07 3.34 -2.80
CA ILE A 358 40.22 3.54 -1.37
C ILE A 358 40.48 2.21 -0.68
N ASN A 359 41.52 2.16 0.14
CA ASN A 359 41.93 0.95 0.85
C ASN A 359 41.83 1.23 2.34
N SER A 360 40.68 0.89 2.93
CA SER A 360 40.45 1.06 4.35
C SER A 360 39.20 0.29 4.73
N ALA A 361 38.89 0.28 6.02
CA ALA A 361 37.68 -0.35 6.51
C ALA A 361 36.58 0.68 6.71
N LEU A 362 35.33 0.19 6.77
CA LEU A 362 34.23 1.07 7.13
C LEU A 362 34.30 1.40 8.61
N ARG A 363 34.13 2.67 8.92
CA ARG A 363 34.36 3.20 10.26
C ARG A 363 33.57 4.49 10.38
N ILE A 364 32.58 4.50 11.27
CA ILE A 364 31.70 5.65 11.42
C ILE A 364 31.74 6.11 12.87
N LYS A 365 31.77 7.42 13.06
CA LYS A 365 31.87 8.04 14.37
C LYS A 365 30.46 8.34 14.87
N ILE A 366 30.07 7.72 15.97
CA ILE A 366 28.83 8.04 16.66
C ILE A 366 29.14 9.14 17.66
N LEU A 367 28.67 10.37 17.40
CA LEU A 367 29.04 11.49 18.25
C LEU A 367 28.18 11.55 19.50
N CYS A 368 26.86 11.73 19.34
CA CYS A 368 25.98 11.88 20.49
C CYS A 368 24.54 11.74 20.04
N ALA A 369 23.66 11.53 21.01
CA ALA A 369 22.22 11.54 20.81
C ALA A 369 21.66 12.70 21.61
N THR A 370 20.85 13.54 20.97
CA THR A 370 20.33 14.73 21.63
C THR A 370 19.54 14.37 22.87
N TYR A 371 18.57 13.47 22.73
CA TYR A 371 17.79 13.00 23.86
C TYR A 371 17.02 11.76 23.45
N VAL A 372 16.65 10.96 24.44
CA VAL A 372 15.86 9.75 24.23
C VAL A 372 14.77 9.71 25.29
N ASN A 373 13.61 9.17 24.92
CA ASN A 373 12.46 9.09 25.82
C ASN A 373 12.47 7.76 26.55
N VAL A 374 13.42 7.63 27.47
CA VAL A 374 13.57 6.43 28.30
C VAL A 374 13.80 6.88 29.73
N ASN A 375 13.20 6.17 30.68
CA ASN A 375 13.29 6.56 32.08
C ASN A 375 14.68 6.29 32.63
N ILE A 376 15.18 7.23 33.45
CA ILE A 376 16.49 7.05 34.07
C ILE A 376 16.43 5.97 35.14
N ARG A 377 15.39 5.98 35.97
CA ARG A 377 15.27 5.00 37.04
C ARG A 377 14.86 3.62 36.53
N ASP A 378 13.90 3.57 35.61
CA ASP A 378 13.40 2.29 35.13
C ASP A 378 14.44 1.57 34.27
N ILE A 379 15.20 2.32 33.48
CA ILE A 379 16.19 1.76 32.56
C ILE A 379 17.56 2.32 32.93
N ASP A 380 18.54 1.43 33.09
CA ASP A 380 19.85 1.86 33.56
C ASP A 380 20.67 2.50 32.45
N LYS A 381 20.86 1.80 31.34
CA LYS A 381 21.80 2.26 30.32
C LYS A 381 21.21 2.05 28.93
N ILE A 382 21.76 2.80 27.98
CA ILE A 382 21.39 2.73 26.57
C ILE A 382 22.67 2.57 25.74
N TYR A 383 22.49 2.05 24.54
CA TYR A 383 23.59 1.98 23.58
C TYR A 383 22.99 2.15 22.18
N VAL A 384 23.85 2.03 21.17
CA VAL A 384 23.41 2.14 19.78
C VAL A 384 23.80 0.86 19.04
N ARG A 385 22.80 0.18 18.49
CA ARG A 385 23.03 -0.92 17.57
C ARG A 385 23.31 -0.36 16.18
N THR A 386 24.22 -1.00 15.45
CA THR A 386 24.51 -0.59 14.09
C THR A 386 24.53 -1.82 13.18
N GLY A 387 24.81 -1.60 11.90
CA GLY A 387 24.90 -2.68 10.96
C GLY A 387 25.28 -2.15 9.59
N ILE A 388 25.62 -3.08 8.69
CA ILE A 388 25.92 -2.79 7.30
C ILE A 388 25.13 -3.78 6.48
N TYR A 389 23.93 -3.40 6.06
CA TYR A 389 23.02 -4.33 5.41
C TYR A 389 23.05 -4.14 3.90
N HIS A 390 22.53 -5.14 3.20
CA HIS A 390 22.29 -5.08 1.76
C HIS A 390 21.00 -5.86 1.53
N GLY A 391 19.88 -5.15 1.57
CA GLY A 391 18.59 -5.81 1.57
C GLY A 391 18.20 -6.26 2.96
N GLY A 392 18.37 -7.55 3.25
CA GLY A 392 18.18 -8.06 4.59
C GLY A 392 19.42 -8.78 5.07
N GLU A 393 20.46 -8.81 4.23
CA GLU A 393 21.68 -9.54 4.53
C GLU A 393 22.65 -8.61 5.22
N PRO A 394 22.98 -8.82 6.50
CA PRO A 394 24.07 -8.05 7.11
C PRO A 394 25.38 -8.36 6.43
N LEU A 395 25.96 -7.39 5.72
CA LEU A 395 27.21 -7.64 5.02
C LEU A 395 28.34 -7.97 5.99
N CYS A 396 28.19 -7.60 7.26
CA CYS A 396 29.16 -7.94 8.29
C CYS A 396 28.45 -7.89 9.63
N ASP A 397 29.17 -8.30 10.67
CA ASP A 397 28.58 -8.39 12.00
C ASP A 397 28.28 -7.00 12.55
N ASN A 398 27.31 -6.96 13.47
CA ASN A 398 26.89 -5.71 14.09
C ASN A 398 27.89 -5.26 15.13
N VAL A 399 27.98 -3.95 15.33
CA VAL A 399 28.90 -3.33 16.27
C VAL A 399 28.11 -2.52 17.27
N ASN A 400 28.66 -2.35 18.47
CA ASN A 400 27.99 -1.59 19.52
C ASN A 400 28.94 -0.59 20.16
N THR A 401 28.35 0.41 20.80
CA THR A 401 29.07 1.35 21.64
C THR A 401 28.90 0.95 23.10
N GLN A 402 29.90 1.31 23.91
CA GLN A 402 29.86 0.98 25.33
C GLN A 402 28.66 1.64 25.99
N ARG A 403 28.05 0.92 26.93
CA ARG A 403 26.81 1.37 27.54
C ARG A 403 27.05 2.61 28.37
N VAL A 404 26.14 3.58 28.26
CA VAL A 404 26.23 4.83 29.01
C VAL A 404 24.92 5.05 29.74
N PRO A 405 24.95 5.81 30.84
CA PRO A 405 23.71 6.13 31.54
C PRO A 405 22.78 6.96 30.66
N CYS A 406 21.48 6.81 30.89
CA CYS A 406 20.49 7.49 30.06
C CYS A 406 20.60 9.01 30.14
N SER A 407 21.19 9.54 31.21
CA SER A 407 21.24 10.99 31.39
C SER A 407 22.10 11.65 30.33
N ASN A 408 23.22 11.03 29.95
CA ASN A 408 24.22 11.64 29.06
C ASN A 408 24.46 10.73 27.86
N PRO A 409 23.58 10.76 26.87
CA PRO A 409 23.82 9.96 25.65
C PRO A 409 24.95 10.50 24.81
N ARG A 410 26.18 10.43 25.32
CA ARG A 410 27.37 10.88 24.60
C ARG A 410 28.32 9.71 24.46
N TRP A 411 28.64 9.35 23.21
CA TRP A 411 29.54 8.23 22.93
C TRP A 411 30.83 8.71 22.26
N ASN A 412 30.72 9.40 21.12
CA ASN A 412 31.88 9.96 20.42
C ASN A 412 32.89 8.84 20.12
N GLU A 413 32.39 7.77 19.50
CA GLU A 413 33.18 6.56 19.32
C GLU A 413 33.25 6.18 17.84
N TRP A 414 34.44 5.81 17.39
CA TRP A 414 34.66 5.36 16.01
C TRP A 414 34.34 3.87 15.94
N LEU A 415 33.07 3.54 15.69
CA LEU A 415 32.71 2.15 15.48
C LEU A 415 33.29 1.66 14.16
N ASN A 416 33.81 0.43 14.17
CA ASN A 416 34.52 -0.13 13.03
C ASN A 416 33.89 -1.45 12.62
N TYR A 417 33.93 -1.72 11.32
CA TYR A 417 33.21 -2.83 10.71
C TYR A 417 34.18 -3.70 9.92
N ASP A 418 33.88 -5.01 9.90
CA ASP A 418 34.72 -5.95 9.18
C ASP A 418 34.74 -5.68 7.68
N ILE A 419 33.78 -4.90 7.18
CA ILE A 419 33.63 -4.72 5.75
C ILE A 419 34.71 -3.79 5.21
N TYR A 420 35.39 -4.24 4.16
CA TYR A 420 36.39 -3.46 3.45
C TYR A 420 35.69 -2.48 2.52
N ILE A 421 36.31 -1.31 2.31
CA ILE A 421 35.61 -0.22 1.61
C ILE A 421 35.26 -0.59 0.18
N PRO A 422 36.17 -1.09 -0.66
CA PRO A 422 35.76 -1.51 -2.02
C PRO A 422 34.79 -2.67 -2.00
N ASP A 423 34.71 -3.41 -0.91
CA ASP A 423 33.76 -4.50 -0.75
C ASP A 423 32.35 -3.99 -0.42
N LEU A 424 32.11 -2.70 -0.57
CA LEU A 424 30.78 -2.16 -0.33
C LEU A 424 29.94 -2.31 -1.58
N PRO A 425 28.77 -2.93 -1.49
CA PRO A 425 27.86 -2.97 -2.64
C PRO A 425 27.10 -1.66 -2.78
N ARG A 426 26.61 -1.45 -4.00
CA ARG A 426 25.96 -0.19 -4.37
C ARG A 426 24.70 0.08 -3.56
N ALA A 427 24.13 -0.93 -2.91
CA ALA A 427 22.87 -0.79 -2.19
C ALA A 427 23.03 -0.98 -0.68
N ALA A 428 24.22 -0.75 -0.16
CA ALA A 428 24.46 -0.85 1.26
C ALA A 428 23.62 0.16 2.02
N ARG A 429 23.27 -0.18 3.26
CA ARG A 429 22.30 0.61 4.02
C ARG A 429 22.63 0.47 5.51
N LEU A 430 23.43 1.40 6.02
CA LEU A 430 23.97 1.32 7.37
C LEU A 430 22.85 1.63 8.36
N CYS A 431 22.15 0.60 8.80
CA CYS A 431 21.07 0.75 9.75
C CYS A 431 21.60 1.09 11.13
N LEU A 432 20.75 1.73 11.94
CA LEU A 432 21.08 2.13 13.30
C LEU A 432 19.93 1.73 14.22
N SER A 433 20.16 1.93 15.51
CA SER A 433 19.10 1.87 16.51
C SER A 433 19.66 2.33 17.84
N ILE A 434 18.87 3.07 18.58
CA ILE A 434 19.14 3.36 19.98
C ILE A 434 18.34 2.35 20.78
N CYS A 435 19.04 1.59 21.62
CA CYS A 435 18.48 0.43 22.31
C CYS A 435 18.78 0.53 23.81
N SER A 436 17.95 -0.14 24.59
CA SER A 436 18.03 -0.13 26.05
C SER A 436 18.77 -1.36 26.56
N VAL A 437 19.19 -1.29 27.84
CA VAL A 437 19.77 -2.42 28.56
C VAL A 437 19.07 -2.54 29.90
N LYS A 438 18.65 -3.75 30.25
CA LYS A 438 18.02 -3.99 31.54
C LYS A 438 18.43 -5.38 32.04
N GLY A 439 19.15 -5.43 33.15
CA GLY A 439 19.57 -6.67 33.76
C GLY A 439 18.75 -7.11 34.96
N ARG A 440 17.68 -6.39 35.30
CA ARG A 440 16.88 -6.76 36.46
C ARG A 440 16.16 -8.09 36.25
N LYS A 441 15.63 -8.30 35.04
CA LYS A 441 14.87 -9.52 34.79
C LYS A 441 15.75 -10.77 34.76
N GLY A 442 16.98 -10.64 34.27
CA GLY A 442 17.86 -11.79 34.22
C GLY A 442 19.28 -11.36 33.91
N ALA A 443 20.19 -12.33 34.01
CA ALA A 443 21.60 -12.07 33.74
C ALA A 443 21.81 -11.64 32.29
N LYS A 444 21.15 -12.29 31.36
CA LYS A 444 21.19 -11.91 29.95
C LYS A 444 20.29 -10.69 29.78
N GLU A 445 20.91 -9.51 29.67
CA GLU A 445 20.14 -8.27 29.64
C GLU A 445 19.24 -8.22 28.41
N GLU A 446 17.98 -7.85 28.62
CA GLU A 446 17.06 -7.67 27.52
C GLU A 446 17.39 -6.41 26.75
N HIS A 447 17.42 -6.52 25.42
CA HIS A 447 17.68 -5.38 24.54
C HIS A 447 16.45 -5.10 23.71
N CYS A 448 15.99 -3.86 23.73
CA CYS A 448 14.86 -3.42 22.92
C CYS A 448 15.23 -2.06 22.33
N PRO A 449 14.96 -1.84 21.04
CA PRO A 449 15.34 -0.57 20.42
C PRO A 449 14.46 0.57 20.91
N LEU A 450 15.09 1.61 21.45
CA LEU A 450 14.34 2.81 21.80
C LEU A 450 13.86 3.51 20.53
N ALA A 451 14.64 3.43 19.46
CA ALA A 451 14.30 4.04 18.18
C ALA A 451 15.24 3.49 17.12
N TRP A 452 14.96 3.78 15.86
CA TRP A 452 15.71 3.22 14.75
C TRP A 452 15.86 4.25 13.64
N GLY A 453 16.67 3.91 12.64
CA GLY A 453 16.87 4.77 11.49
C GLY A 453 17.89 4.23 10.51
N ASN A 454 17.67 4.42 9.21
CA ASN A 454 18.53 3.87 8.18
C ASN A 454 19.23 4.98 7.41
N ILE A 455 20.41 4.68 6.88
CA ILE A 455 21.16 5.62 6.05
C ILE A 455 21.71 4.85 4.86
N ASN A 456 21.44 5.34 3.66
CA ASN A 456 22.07 4.77 2.48
C ASN A 456 23.51 5.24 2.40
N LEU A 457 24.43 4.31 2.37
CA LEU A 457 25.84 4.68 2.29
C LEU A 457 26.25 5.18 0.94
N PHE A 458 25.33 5.42 0.01
CA PHE A 458 25.67 6.01 -1.28
C PHE A 458 24.61 7.05 -1.63
N ASP A 459 25.02 8.07 -2.36
CA ASP A 459 24.14 9.14 -2.78
C ASP A 459 23.48 8.79 -4.11
N TYR A 460 22.44 9.54 -4.46
CA TYR A 460 21.71 9.27 -5.69
C TYR A 460 22.60 9.40 -6.91
N THR A 461 23.74 10.09 -6.77
CA THR A 461 24.71 10.25 -7.84
C THR A 461 25.93 9.35 -7.65
N ASP A 462 25.80 8.28 -6.87
CA ASP A 462 26.78 7.21 -6.64
C ASP A 462 27.88 7.54 -5.66
N THR A 463 27.82 8.64 -4.92
CA THR A 463 28.93 9.08 -4.08
C THR A 463 28.73 8.63 -2.64
N LEU A 464 29.80 8.07 -2.05
CA LEU A 464 29.75 7.58 -0.67
C LEU A 464 29.63 8.75 0.30
N VAL A 465 28.66 8.65 1.21
CA VAL A 465 28.33 9.77 2.09
C VAL A 465 29.50 10.08 3.02
N SER A 466 29.83 11.35 3.14
CA SER A 466 30.95 11.83 3.94
C SER A 466 30.44 12.84 4.97
N GLY A 467 31.37 13.44 5.68
CA GLY A 467 31.04 14.54 6.58
C GLY A 467 30.15 14.12 7.74
N LYS A 468 29.64 15.14 8.43
CA LYS A 468 28.73 14.93 9.53
C LYS A 468 27.29 14.80 9.03
N MET A 469 26.46 14.15 9.83
CA MET A 469 25.05 13.99 9.51
C MET A 469 24.26 14.00 10.81
N ALA A 470 22.99 14.39 10.71
CA ALA A 470 22.07 14.34 11.83
C ALA A 470 20.83 13.56 11.39
N LEU A 471 20.50 12.53 12.15
CA LEU A 471 19.40 11.64 11.81
C LEU A 471 18.36 11.70 12.92
N ASN A 472 17.14 12.07 12.56
CA ASN A 472 16.02 11.86 13.47
C ASN A 472 15.57 10.41 13.38
N LEU A 473 15.12 9.87 14.50
CA LEU A 473 14.86 8.45 14.63
C LEU A 473 13.35 8.21 14.68
N TRP A 474 12.89 7.29 13.84
CA TRP A 474 11.50 6.88 13.87
C TRP A 474 11.24 6.01 15.10
N PRO A 475 9.99 5.92 15.54
CA PRO A 475 9.65 4.92 16.56
C PRO A 475 9.73 3.52 15.99
N VAL A 476 9.86 2.56 16.88
CA VAL A 476 9.93 1.15 16.44
C VAL A 476 8.56 0.74 15.90
N PRO A 477 8.51 0.03 14.78
CA PRO A 477 7.22 -0.46 14.28
C PRO A 477 6.59 -1.40 15.29
N HIS A 478 5.26 -1.32 15.40
CA HIS A 478 4.54 -2.12 16.39
C HIS A 478 4.71 -3.61 16.08
N GLY A 479 5.05 -4.38 17.11
CA GLY A 479 5.21 -5.81 16.97
C GLY A 479 6.54 -6.26 16.41
N LEU A 480 7.48 -5.36 16.19
CA LEU A 480 8.80 -5.72 15.68
C LEU A 480 9.80 -5.62 16.83
N GLU A 481 10.28 -6.77 17.29
CA GLU A 481 11.20 -6.83 18.42
C GLU A 481 12.66 -6.88 18.00
N ASP A 482 12.94 -7.03 16.71
CA ASP A 482 14.32 -6.96 16.24
C ASP A 482 14.89 -5.57 16.50
N LEU A 483 16.13 -5.53 16.99
CA LEU A 483 16.72 -4.25 17.39
C LEU A 483 16.83 -3.30 16.19
N LEU A 484 17.31 -3.81 15.07
CA LEU A 484 17.35 -3.03 13.84
C LEU A 484 16.12 -3.31 13.01
N ASN A 485 15.77 -2.36 12.14
CA ASN A 485 14.64 -2.51 11.23
C ASN A 485 15.13 -2.16 9.82
N PRO A 486 15.89 -3.06 9.18
CA PRO A 486 16.42 -2.76 7.84
C PRO A 486 15.36 -2.81 6.76
N ILE A 487 14.09 -2.93 7.15
CA ILE A 487 12.97 -2.94 6.22
C ILE A 487 12.47 -1.52 6.04
N GLY A 488 12.64 -0.69 7.08
CA GLY A 488 12.10 0.65 7.09
C GLY A 488 12.68 1.60 6.07
N VAL A 489 12.26 2.86 6.13
CA VAL A 489 12.61 3.85 5.12
C VAL A 489 13.96 4.49 5.44
N THR A 490 14.68 4.89 4.39
CA THR A 490 16.06 5.34 4.51
C THR A 490 16.09 6.86 4.49
N GLY A 491 15.83 7.45 5.66
CA GLY A 491 15.89 8.89 5.76
C GLY A 491 15.51 9.34 7.16
N SER A 492 15.67 10.63 7.39
CA SER A 492 15.39 11.21 8.70
C SER A 492 13.89 11.32 8.93
N ASN A 493 13.50 11.32 10.20
CA ASN A 493 12.11 11.57 10.55
C ASN A 493 11.80 13.03 10.30
N PRO A 494 10.80 13.36 9.47
CA PRO A 494 10.49 14.79 9.24
C PRO A 494 10.13 15.53 10.52
N ASN A 495 9.46 14.87 11.46
CA ASN A 495 9.26 15.46 12.77
C ASN A 495 10.61 15.75 13.42
N LYS A 496 10.71 16.91 14.07
CA LYS A 496 11.93 17.30 14.75
C LYS A 496 11.79 17.34 16.25
N GLU A 497 10.67 16.86 16.79
CA GLU A 497 10.55 16.59 18.22
C GLU A 497 10.98 15.18 18.57
N THR A 498 11.42 14.40 17.59
CA THR A 498 11.86 13.03 17.79
C THR A 498 13.31 12.98 18.27
N PRO A 499 13.82 11.87 18.88
CA PRO A 499 15.26 11.71 19.16
C PRO A 499 16.18 11.79 17.96
N CYS A 500 17.24 12.57 18.02
CA CYS A 500 18.13 12.76 16.87
C CYS A 500 19.44 12.04 17.16
N LEU A 501 20.30 11.92 16.17
CA LEU A 501 21.60 11.30 16.43
C LEU A 501 22.62 11.89 15.49
N GLU A 502 23.72 12.37 16.03
CA GLU A 502 24.79 12.92 15.19
C GLU A 502 25.80 11.81 14.89
N LEU A 503 26.16 11.69 13.64
CA LEU A 503 27.15 10.69 13.23
C LEU A 503 28.20 11.48 12.51
N GLU A 504 29.19 10.81 11.97
CA GLU A 504 30.19 11.43 11.12
C GLU A 504 30.89 10.31 10.37
N PHE A 505 31.19 10.56 9.09
CA PHE A 505 31.67 9.51 8.21
C PHE A 505 33.09 9.83 7.77
N ASP A 506 33.82 8.78 7.40
CA ASP A 506 35.23 8.93 7.05
C ASP A 506 35.40 9.89 5.88
N TRP A 507 36.42 10.72 5.97
CA TRP A 507 36.80 11.62 4.89
C TRP A 507 38.08 11.12 4.25
N PHE A 508 38.06 10.95 2.93
CA PHE A 508 39.21 10.46 2.17
C PHE A 508 39.87 11.56 1.37
N SER A 509 39.80 12.81 1.86
CA SER A 509 40.43 13.97 1.25
C SER A 509 39.84 14.29 -0.13
N SER A 510 38.80 13.55 -0.52
CA SER A 510 38.16 13.77 -1.81
C SER A 510 36.78 13.11 -1.76
N VAL A 511 35.93 13.47 -2.73
CA VAL A 511 34.63 12.84 -2.88
C VAL A 511 34.82 11.50 -3.55
N VAL A 512 34.34 10.43 -2.92
CA VAL A 512 34.51 9.07 -3.39
C VAL A 512 33.16 8.51 -3.80
N LYS A 513 33.12 7.88 -4.98
CA LYS A 513 31.87 7.44 -5.57
C LYS A 513 32.01 6.02 -6.10
N PHE A 514 30.87 5.35 -6.21
CA PHE A 514 30.84 3.99 -6.74
C PHE A 514 31.35 3.98 -8.17
N PRO A 515 32.11 2.95 -8.57
CA PRO A 515 32.64 2.91 -9.94
C PRO A 515 31.53 2.80 -10.97
N ASP A 516 31.79 3.34 -12.16
CA ASP A 516 30.82 3.24 -13.24
C ASP A 516 30.73 1.81 -13.74
N MET A 517 29.69 1.56 -14.53
CA MET A 517 29.36 0.20 -14.96
C MET A 517 30.47 -0.39 -15.84
N SER A 518 31.17 0.48 -16.60
CA SER A 518 32.23 0.01 -17.48
C SER A 518 33.40 -0.55 -16.70
N VAL A 519 33.74 0.09 -15.57
CA VAL A 519 34.82 -0.44 -14.74
C VAL A 519 34.44 -1.79 -14.14
N ILE A 520 33.17 -1.96 -13.79
CA ILE A 520 32.71 -3.26 -13.31
C ILE A 520 32.82 -4.31 -14.41
N GLU A 521 32.48 -3.93 -15.64
CA GLU A 521 32.69 -4.85 -16.77
C GLU A 521 34.17 -5.19 -16.94
N GLU A 522 35.05 -4.21 -16.80
CA GLU A 522 36.48 -4.46 -16.96
C GLU A 522 37.05 -5.32 -15.83
N HIS A 523 36.47 -5.21 -14.63
CA HIS A 523 36.96 -6.00 -13.50
C HIS A 523 36.80 -7.49 -13.77
N ALA A 524 35.65 -7.89 -14.32
CA ALA A 524 35.46 -9.27 -14.71
C ALA A 524 36.41 -9.64 -15.85
N ASN A 525 36.39 -10.89 -16.28
CA ASN A 525 37.38 -11.32 -17.31
C ASN A 525 38.77 -11.17 -16.68
N TRP A 526 38.83 -10.78 -15.40
CA TRP A 526 40.13 -10.70 -14.68
C TRP A 526 39.91 -11.11 -13.22
N SER A 527 38.77 -10.74 -12.62
CA SER A 527 38.45 -11.19 -11.24
C SER A 527 37.98 -12.64 -11.30
N VAL A 528 37.50 -13.07 -12.47
CA VAL A 528 36.93 -14.43 -12.59
C VAL A 528 37.85 -15.29 -13.46
N ARG A 552 27.39 -34.11 -15.38
CA ARG A 552 26.65 -33.05 -16.05
C ARG A 552 25.14 -33.27 -15.92
N GLU A 553 24.71 -34.51 -16.16
CA GLU A 553 23.29 -34.83 -16.03
C GLU A 553 22.81 -34.65 -14.60
N ASN A 554 23.62 -35.08 -13.63
CA ASN A 554 23.26 -34.86 -12.22
C ASN A 554 23.20 -33.37 -11.90
N ASP A 555 24.17 -32.60 -12.42
CA ASP A 555 24.14 -31.15 -12.22
C ASP A 555 22.89 -30.54 -12.82
N LYS A 556 22.52 -30.96 -14.03
CA LYS A 556 21.32 -30.44 -14.67
C LYS A 556 20.07 -30.78 -13.87
N GLU A 557 19.98 -32.02 -13.37
CA GLU A 557 18.82 -32.40 -12.59
C GLU A 557 18.72 -31.60 -11.31
N GLN A 558 19.85 -31.39 -10.63
CA GLN A 558 19.83 -30.60 -9.39
C GLN A 558 19.48 -29.15 -9.68
N LEU A 559 19.98 -28.60 -10.78
CA LEU A 559 19.63 -27.23 -11.16
C LEU A 559 18.13 -27.11 -11.45
N LYS A 560 17.57 -28.08 -12.16
CA LYS A 560 16.13 -28.06 -12.44
C LYS A 560 15.33 -28.18 -11.15
N ALA A 561 15.78 -29.02 -10.22
CA ALA A 561 15.07 -29.15 -8.95
C ALA A 561 15.13 -27.85 -8.15
N ILE A 562 16.27 -27.16 -8.19
CA ILE A 562 16.41 -25.90 -7.47
C ILE A 562 15.55 -24.82 -8.10
N SER A 563 15.54 -24.75 -9.43
CA SER A 563 14.81 -23.68 -10.13
C SER A 563 13.32 -23.71 -9.81
N THR A 564 12.74 -24.90 -9.71
CA THR A 564 11.32 -25.05 -9.44
C THR A 564 10.98 -24.83 -7.96
N ARG A 565 11.97 -24.63 -7.11
CA ARG A 565 11.71 -24.55 -5.68
C ARG A 565 11.11 -23.20 -5.31
N ASP A 566 10.48 -23.17 -4.13
CA ASP A 566 9.80 -21.98 -3.65
C ASP A 566 10.79 -20.84 -3.43
N PRO A 567 10.36 -19.59 -3.65
CA PRO A 567 11.25 -18.46 -3.33
C PRO A 567 11.60 -18.35 -1.86
N LEU A 568 10.69 -18.74 -0.95
CA LEU A 568 10.99 -18.77 0.47
C LEU A 568 11.57 -20.11 0.91
N SER A 569 11.80 -21.03 -0.02
CA SER A 569 12.44 -22.29 0.33
C SER A 569 13.85 -22.02 0.83
N GLU A 570 14.21 -22.67 1.93
CA GLU A 570 15.53 -22.49 2.51
C GLU A 570 16.60 -23.09 1.60
N ILE A 571 17.71 -22.36 1.45
CA ILE A 571 18.80 -22.76 0.58
C ILE A 571 19.99 -23.10 1.46
N THR A 572 20.54 -24.30 1.29
CA THR A 572 21.73 -24.67 2.04
C THR A 572 22.98 -24.17 1.34
N GLU A 573 24.07 -24.07 2.12
CA GLU A 573 25.31 -23.53 1.59
C GLU A 573 25.87 -24.38 0.47
N GLN A 574 25.65 -25.70 0.53
CA GLN A 574 26.07 -26.56 -0.57
C GLN A 574 25.34 -26.20 -1.86
N GLU A 575 24.03 -25.94 -1.75
CA GLU A 575 23.27 -25.50 -2.92
C GLU A 575 23.78 -24.16 -3.44
N LYS A 576 24.12 -23.24 -2.53
CA LYS A 576 24.61 -21.93 -2.94
C LYS A 576 25.94 -22.02 -3.67
N ASP A 577 26.86 -22.85 -3.16
CA ASP A 577 28.14 -23.05 -3.83
C ASP A 577 27.94 -23.73 -5.18
N PHE A 578 27.02 -24.69 -5.26
CA PHE A 578 26.71 -25.32 -6.54
C PHE A 578 26.14 -24.31 -7.53
N LEU A 579 25.23 -23.45 -7.07
CA LEU A 579 24.63 -22.44 -7.93
C LEU A 579 25.67 -21.47 -8.44
N TRP A 580 26.58 -21.02 -7.57
CA TRP A 580 27.60 -20.08 -7.99
C TRP A 580 28.61 -20.74 -8.93
N SER A 581 28.92 -22.01 -8.72
CA SER A 581 29.90 -22.69 -9.56
C SER A 581 29.44 -22.80 -11.01
N HIS A 582 28.18 -23.19 -11.21
CA HIS A 582 27.62 -23.44 -12.54
C HIS A 582 26.71 -22.31 -13.01
N ARG A 583 27.07 -21.07 -12.70
CA ARG A 583 26.29 -19.92 -13.16
C ARG A 583 26.28 -19.85 -14.68
N HIS A 584 27.42 -20.12 -15.32
CA HIS A 584 27.50 -20.09 -16.78
C HIS A 584 26.61 -21.15 -17.42
N TYR A 585 26.19 -22.15 -16.66
CA TYR A 585 25.16 -23.07 -17.09
C TYR A 585 23.79 -22.76 -16.49
N CYS A 586 23.76 -22.02 -15.37
CA CYS A 586 22.49 -21.53 -14.85
C CYS A 586 21.86 -20.50 -15.76
N VAL A 587 22.64 -19.86 -16.64
CA VAL A 587 22.08 -18.87 -17.56
C VAL A 587 21.12 -19.52 -18.54
N THR A 588 21.34 -20.80 -18.87
CA THR A 588 20.42 -21.50 -19.77
C THR A 588 19.06 -21.72 -19.11
N ILE A 589 19.03 -21.83 -17.79
CA ILE A 589 17.78 -21.96 -17.04
C ILE A 589 17.45 -20.59 -16.48
N PRO A 590 16.64 -19.78 -17.17
CA PRO A 590 16.40 -18.41 -16.71
C PRO A 590 15.51 -18.28 -15.48
N GLU A 591 14.86 -19.36 -15.05
CA GLU A 591 14.06 -19.31 -13.84
C GLU A 591 14.91 -19.35 -12.57
N ILE A 592 16.24 -19.45 -12.72
CA ILE A 592 17.16 -19.60 -11.59
C ILE A 592 17.67 -18.26 -11.06
N LEU A 593 17.41 -17.15 -11.75
CA LEU A 593 17.96 -15.87 -11.33
C LEU A 593 17.57 -15.46 -9.92
N PRO A 594 16.31 -15.58 -9.48
CA PRO A 594 16.00 -15.26 -8.07
C PRO A 594 16.73 -16.14 -7.07
N LYS A 595 17.17 -17.32 -7.47
CA LYS A 595 17.92 -18.21 -6.59
C LYS A 595 19.42 -17.94 -6.66
N LEU A 596 19.98 -17.93 -7.87
CA LEU A 596 21.40 -17.63 -8.04
C LEU A 596 21.78 -16.31 -7.41
N LEU A 597 20.86 -15.34 -7.40
CA LEU A 597 21.15 -14.06 -6.76
C LEU A 597 21.42 -14.22 -5.27
N LEU A 598 20.65 -15.05 -4.60
CA LEU A 598 20.93 -15.29 -3.18
C LEU A 598 22.14 -16.19 -2.98
N SER A 599 22.68 -16.77 -4.05
CA SER A 599 23.91 -17.55 -3.95
C SER A 599 25.14 -16.67 -3.83
N VAL A 600 25.13 -15.49 -4.46
CA VAL A 600 26.30 -14.63 -4.49
C VAL A 600 26.48 -13.96 -3.13
N LYS A 601 27.74 -13.80 -2.73
CA LYS A 601 28.08 -12.99 -1.56
C LYS A 601 28.29 -11.57 -2.05
N TRP A 602 27.39 -10.67 -1.66
CA TRP A 602 27.51 -9.28 -2.07
C TRP A 602 28.70 -8.59 -1.42
N ASN A 603 29.32 -9.24 -0.42
CA ASN A 603 30.53 -8.71 0.18
C ASN A 603 31.65 -8.57 -0.84
N SER A 604 31.83 -9.58 -1.68
CA SER A 604 32.94 -9.57 -2.62
C SER A 604 32.78 -8.48 -3.67
N ARG A 605 33.92 -8.01 -4.15
CA ARG A 605 33.97 -7.14 -5.32
C ARG A 605 34.22 -7.94 -6.60
N ASP A 606 34.72 -9.17 -6.47
CA ASP A 606 35.00 -10.00 -7.63
C ASP A 606 33.75 -10.73 -8.10
N GLU A 607 32.97 -11.28 -7.15
CA GLU A 607 31.76 -12.02 -7.51
C GLU A 607 30.73 -11.12 -8.16
N VAL A 608 30.56 -9.90 -7.63
CA VAL A 608 29.48 -9.03 -8.08
C VAL A 608 29.71 -8.52 -9.49
N ALA A 609 30.97 -8.35 -9.90
CA ALA A 609 31.23 -7.99 -11.29
C ALA A 609 30.78 -9.10 -12.24
N GLN A 610 31.08 -10.34 -11.90
CA GLN A 610 30.62 -11.47 -12.71
C GLN A 610 29.10 -11.54 -12.73
N MET A 611 28.46 -11.33 -11.57
CA MET A 611 27.01 -11.36 -11.53
C MET A 611 26.42 -10.24 -12.37
N TYR A 612 27.06 -9.07 -12.38
CA TYR A 612 26.60 -7.97 -13.22
C TYR A 612 26.69 -8.31 -14.68
N CYS A 613 27.79 -8.94 -15.11
CA CYS A 613 27.88 -9.39 -16.50
C CYS A 613 26.80 -10.42 -16.82
N LEU A 614 26.53 -11.33 -15.88
CA LEU A 614 25.50 -12.34 -16.10
C LEU A 614 24.13 -11.70 -16.28
N VAL A 615 23.77 -10.77 -15.40
CA VAL A 615 22.49 -10.07 -15.53
C VAL A 615 22.45 -9.26 -16.80
N LYS A 616 23.60 -8.74 -17.24
CA LYS A 616 23.64 -8.00 -18.51
C LYS A 616 23.29 -8.91 -19.67
N ASP A 617 23.75 -10.15 -19.65
CA ASP A 617 23.45 -11.09 -20.73
C ASP A 617 22.37 -12.10 -20.36
N TRP A 618 21.65 -11.88 -19.27
CA TRP A 618 20.62 -12.82 -18.85
C TRP A 618 19.44 -12.79 -19.82
N PRO A 619 19.03 -13.94 -20.37
CA PRO A 619 17.80 -13.98 -21.17
C PRO A 619 16.60 -13.60 -20.32
N PRO A 620 15.66 -12.83 -20.89
CA PRO A 620 14.55 -12.32 -20.08
C PRO A 620 13.62 -13.43 -19.62
N ILE A 621 12.93 -13.17 -18.51
CA ILE A 621 12.05 -14.15 -17.90
C ILE A 621 10.63 -13.62 -17.87
N LYS A 622 9.71 -14.42 -17.37
CA LYS A 622 8.30 -14.03 -17.36
C LYS A 622 8.04 -12.98 -16.29
N PRO A 623 7.09 -12.07 -16.53
CA PRO A 623 6.81 -11.01 -15.54
C PRO A 623 6.31 -11.52 -14.20
N GLU A 624 5.81 -12.75 -14.12
CA GLU A 624 5.39 -13.27 -12.82
C GLU A 624 6.57 -13.70 -11.96
N GLN A 625 7.73 -13.93 -12.57
CA GLN A 625 8.95 -14.28 -11.84
C GLN A 625 9.89 -13.10 -11.67
N ALA A 626 9.96 -12.21 -12.67
CA ALA A 626 10.75 -10.99 -12.58
C ALA A 626 10.13 -9.98 -11.63
N MET A 627 8.91 -10.21 -11.14
CA MET A 627 8.35 -9.34 -10.13
C MET A 627 8.96 -9.59 -8.76
N GLU A 628 9.38 -10.82 -8.47
CA GLU A 628 10.04 -11.12 -7.21
C GLU A 628 11.33 -10.32 -7.05
N LEU A 629 12.03 -10.08 -8.15
CA LEU A 629 13.29 -9.33 -8.14
C LEU A 629 13.06 -7.87 -7.79
N LEU A 630 11.82 -7.51 -7.46
CA LEU A 630 11.49 -6.18 -6.94
C LEU A 630 10.89 -6.38 -5.56
N ASP A 631 11.75 -6.49 -4.56
CA ASP A 631 11.31 -6.70 -3.19
C ASP A 631 12.44 -6.31 -2.25
N CYS A 632 12.29 -6.64 -0.97
CA CYS A 632 13.30 -6.29 0.02
C CYS A 632 14.64 -6.95 -0.30
N ASN A 633 14.61 -8.18 -0.81
CA ASN A 633 15.78 -9.02 -0.88
C ASN A 633 16.64 -8.79 -2.12
N TYR A 634 16.17 -8.00 -3.09
CA TYR A 634 16.90 -7.77 -4.34
C TYR A 634 17.04 -6.28 -4.56
N PRO A 635 17.95 -5.63 -3.84
CA PRO A 635 18.08 -4.16 -3.91
C PRO A 635 19.17 -3.66 -4.86
N ASP A 636 19.80 -4.53 -5.64
CA ASP A 636 20.86 -4.06 -6.53
C ASP A 636 20.27 -3.28 -7.70
N PRO A 637 20.93 -2.21 -8.15
CA PRO A 637 20.42 -1.48 -9.32
C PRO A 637 20.30 -2.32 -10.58
N MET A 638 21.24 -3.23 -10.84
CA MET A 638 21.18 -4.02 -12.06
C MET A 638 20.07 -5.06 -11.99
N VAL A 639 19.84 -5.62 -10.81
CA VAL A 639 18.78 -6.60 -10.62
C VAL A 639 17.43 -5.98 -10.92
N ARG A 640 17.15 -4.83 -10.32
CA ARG A 640 15.85 -4.20 -10.50
C ARG A 640 15.73 -3.55 -11.88
N GLY A 641 16.85 -3.15 -12.47
CA GLY A 641 16.80 -2.73 -13.87
C GLY A 641 16.41 -3.85 -14.80
N PHE A 642 16.96 -5.05 -14.57
CA PHE A 642 16.56 -6.22 -15.34
C PHE A 642 15.08 -6.54 -15.14
N ALA A 643 14.63 -6.51 -13.88
CA ALA A 643 13.23 -6.80 -13.60
C ALA A 643 12.30 -5.80 -14.29
N VAL A 644 12.65 -4.52 -14.23
CA VAL A 644 11.79 -3.50 -14.83
C VAL A 644 11.79 -3.61 -16.34
N ARG A 645 12.95 -3.88 -16.96
CA ARG A 645 12.93 -4.01 -18.41
C ARG A 645 12.19 -5.27 -18.86
N CYS A 646 12.18 -6.32 -18.02
CA CYS A 646 11.37 -7.48 -18.33
C CYS A 646 9.89 -7.17 -18.25
N LEU A 647 9.45 -6.46 -17.22
CA LEU A 647 8.05 -6.02 -17.17
C LEU A 647 7.72 -5.11 -18.35
N GLU A 648 8.66 -4.27 -18.77
CA GLU A 648 8.42 -3.40 -19.92
C GLU A 648 8.19 -4.23 -21.18
N LYS A 649 8.99 -5.29 -21.37
CA LYS A 649 8.83 -6.10 -22.57
C LYS A 649 7.58 -6.98 -22.51
N TYR A 650 7.19 -7.45 -21.32
CA TYR A 650 6.24 -8.56 -21.24
C TYR A 650 4.97 -8.28 -20.44
N LEU A 651 4.96 -7.31 -19.54
CA LEU A 651 3.75 -7.05 -18.76
C LEU A 651 2.70 -6.35 -19.62
N THR A 652 1.48 -6.85 -19.58
CA THR A 652 0.35 -6.27 -20.29
C THR A 652 -0.60 -5.63 -19.29
N ASP A 653 -1.38 -4.66 -19.78
CA ASP A 653 -2.18 -3.81 -18.91
C ASP A 653 -3.27 -4.57 -18.17
N ASP A 654 -3.65 -5.76 -18.64
CA ASP A 654 -4.63 -6.56 -17.92
C ASP A 654 -4.08 -6.98 -16.56
N LYS A 655 -2.88 -7.56 -16.55
CA LYS A 655 -2.27 -7.98 -15.29
C LYS A 655 -1.75 -6.81 -14.50
N LEU A 656 -1.29 -5.76 -15.19
CA LEU A 656 -0.72 -4.59 -14.51
C LEU A 656 -1.75 -3.95 -13.58
N SER A 657 -3.01 -3.89 -14.02
CA SER A 657 -4.08 -3.40 -13.16
C SER A 657 -4.34 -4.33 -11.99
N GLN A 658 -3.92 -5.59 -12.08
CA GLN A 658 -4.10 -6.56 -11.01
C GLN A 658 -2.96 -6.55 -10.01
N TYR A 659 -1.73 -6.47 -10.51
CA TYR A 659 -0.55 -6.34 -9.66
C TYR A 659 -0.15 -4.89 -9.42
N LEU A 660 -1.11 -3.97 -9.48
CA LEU A 660 -0.77 -2.56 -9.24
C LEU A 660 -0.59 -2.28 -7.76
N ILE A 661 -1.39 -2.88 -6.90
CA ILE A 661 -1.24 -2.65 -5.46
C ILE A 661 0.15 -3.09 -5.02
N GLN A 662 0.60 -4.24 -5.54
CA GLN A 662 1.92 -4.76 -5.18
C GLN A 662 3.03 -3.84 -5.66
N LEU A 663 2.93 -3.30 -6.86
CA LEU A 663 3.99 -2.43 -7.37
C LEU A 663 4.00 -1.09 -6.64
N VAL A 664 2.82 -0.57 -6.29
CA VAL A 664 2.75 0.65 -5.50
C VAL A 664 3.39 0.43 -4.13
N GLN A 665 3.17 -0.73 -3.53
CA GLN A 665 3.79 -1.02 -2.24
C GLN A 665 5.28 -1.31 -2.36
N VAL A 666 5.72 -1.82 -3.52
CA VAL A 666 7.12 -2.09 -3.76
C VAL A 666 7.89 -0.81 -4.06
N LEU A 667 7.19 0.25 -4.46
CA LEU A 667 7.83 1.56 -4.56
C LEU A 667 8.52 1.94 -3.25
N LYS A 668 7.91 1.59 -2.12
CA LYS A 668 8.48 1.93 -0.81
C LYS A 668 9.79 1.22 -0.53
N TYR A 669 10.09 0.13 -1.24
CA TYR A 669 11.34 -0.59 -1.07
C TYR A 669 12.46 -0.05 -1.93
N GLU A 670 12.18 0.94 -2.75
CA GLU A 670 13.24 1.49 -3.58
C GLU A 670 14.10 2.45 -2.76
N GLN A 671 15.31 2.70 -3.25
CA GLN A 671 16.33 3.35 -2.43
C GLN A 671 16.34 4.86 -2.64
N TYR A 672 16.17 5.31 -3.88
CA TYR A 672 16.15 6.71 -4.23
C TYR A 672 14.74 7.14 -4.63
N LEU A 673 14.62 8.36 -5.15
CA LEU A 673 13.35 8.88 -5.61
C LEU A 673 13.16 8.66 -7.11
N ASP A 674 14.21 8.79 -7.90
CA ASP A 674 14.13 8.73 -9.36
C ASP A 674 14.76 7.43 -9.84
N ASN A 675 13.94 6.39 -10.00
CA ASN A 675 14.40 5.06 -10.37
C ASN A 675 13.67 4.63 -11.63
N LEU A 676 13.93 3.40 -12.08
CA LEU A 676 13.28 2.90 -13.29
C LEU A 676 11.87 2.40 -13.04
N LEU A 677 11.60 1.87 -11.85
CA LEU A 677 10.26 1.38 -11.54
C LEU A 677 9.25 2.52 -11.52
N VAL A 678 9.63 3.66 -10.94
CA VAL A 678 8.70 4.78 -10.85
C VAL A 678 8.41 5.35 -12.24
N ARG A 679 9.42 5.37 -13.11
CA ARG A 679 9.19 5.83 -14.48
C ARG A 679 8.29 4.86 -15.25
N PHE A 680 8.49 3.55 -15.06
CA PHE A 680 7.60 2.58 -15.68
C PHE A 680 6.16 2.80 -15.21
N LEU A 681 5.94 2.87 -13.90
CA LEU A 681 4.59 3.02 -13.38
C LEU A 681 3.96 4.34 -13.82
N LEU A 682 4.74 5.42 -13.85
CA LEU A 682 4.22 6.71 -14.26
C LEU A 682 3.84 6.71 -15.74
N LYS A 683 4.72 6.21 -16.60
CA LYS A 683 4.41 6.15 -18.02
C LYS A 683 3.21 5.25 -18.28
N LYS A 684 2.98 4.25 -17.43
CA LYS A 684 1.75 3.45 -17.58
C LYS A 684 0.53 4.25 -17.13
N ALA A 685 0.63 4.93 -15.99
CA ALA A 685 -0.52 5.68 -15.48
C ALA A 685 -0.82 6.92 -16.31
N LEU A 686 0.12 7.34 -17.15
CA LEU A 686 -0.08 8.49 -18.03
C LEU A 686 -0.41 8.08 -19.46
N THR A 687 -0.75 6.81 -19.68
CA THR A 687 -1.21 6.35 -20.97
C THR A 687 -2.44 5.46 -20.85
N ASN A 688 -2.99 5.32 -19.65
CA ASN A 688 -4.13 4.43 -19.42
C ASN A 688 -4.85 4.95 -18.17
N GLN A 689 -5.97 5.66 -18.39
CA GLN A 689 -6.67 6.25 -17.26
C GLN A 689 -7.19 5.21 -16.28
N ARG A 690 -7.39 3.96 -16.73
CA ARG A 690 -7.67 2.88 -15.79
C ARG A 690 -6.53 2.68 -14.83
N ILE A 691 -5.30 2.69 -15.33
CA ILE A 691 -4.13 2.56 -14.46
C ILE A 691 -3.95 3.83 -13.63
N GLY A 692 -4.14 4.99 -14.26
CA GLY A 692 -3.93 6.25 -13.57
C GLY A 692 -4.87 6.45 -12.39
N HIS A 693 -6.14 6.10 -12.55
CA HIS A 693 -7.12 6.32 -11.49
C HIS A 693 -6.74 5.56 -10.24
N PHE A 694 -6.41 4.28 -10.37
CA PHE A 694 -6.09 3.46 -9.22
C PHE A 694 -4.68 3.74 -8.69
N PHE A 695 -3.74 4.06 -9.58
CA PHE A 695 -2.44 4.57 -9.14
C PHE A 695 -2.61 5.76 -8.21
N PHE A 696 -3.37 6.75 -8.66
CA PHE A 696 -3.61 7.95 -7.86
C PHE A 696 -4.24 7.58 -6.54
N TRP A 697 -5.25 6.72 -6.55
CA TRP A 697 -5.97 6.45 -5.31
C TRP A 697 -5.14 5.63 -4.32
N HIS A 698 -4.29 4.72 -4.82
CA HIS A 698 -3.40 3.98 -3.93
C HIS A 698 -2.41 4.92 -3.25
N LEU A 699 -1.74 5.77 -4.06
CA LEU A 699 -0.80 6.72 -3.47
C LEU A 699 -1.51 7.66 -2.49
N LYS A 700 -2.66 8.18 -2.88
CA LYS A 700 -3.40 9.11 -2.03
C LYS A 700 -3.86 8.44 -0.74
N SER A 701 -4.13 7.14 -0.77
CA SER A 701 -4.37 6.40 0.46
C SER A 701 -3.12 6.36 1.32
N GLU A 702 -1.96 6.13 0.69
CA GLU A 702 -0.71 6.02 1.45
C GLU A 702 -0.03 7.37 1.69
N MET A 703 -0.76 8.48 1.50
CA MET A 703 -0.21 9.78 1.86
C MET A 703 -0.25 10.10 3.35
N HIS A 704 -1.04 9.38 4.14
CA HIS A 704 -1.12 9.73 5.55
C HIS A 704 -0.01 9.11 6.39
N ASN A 705 0.82 8.26 5.81
CA ASN A 705 2.00 7.71 6.49
C ASN A 705 3.18 8.64 6.23
N LYS A 706 3.82 9.09 7.31
CA LYS A 706 4.90 10.06 7.20
C LYS A 706 6.16 9.47 6.58
N THR A 707 6.27 8.14 6.56
CA THR A 707 7.49 7.51 6.05
C THR A 707 7.59 7.62 4.54
N VAL A 708 6.46 7.68 3.83
CA VAL A 708 6.47 7.73 2.38
C VAL A 708 5.59 8.87 1.88
N SER A 709 5.15 9.74 2.79
CA SER A 709 4.32 10.87 2.39
C SER A 709 5.04 11.74 1.38
N GLN A 710 6.33 12.01 1.58
CA GLN A 710 7.07 12.88 0.68
C GLN A 710 7.26 12.26 -0.70
N ARG A 711 7.65 10.99 -0.75
CA ARG A 711 7.82 10.31 -2.03
C ARG A 711 6.51 10.25 -2.80
N PHE A 712 5.45 9.79 -2.14
CA PHE A 712 4.18 9.65 -2.82
C PHE A 712 3.57 11.01 -3.16
N GLY A 713 3.89 12.05 -2.39
CA GLY A 713 3.43 13.38 -2.74
C GLY A 713 4.11 13.94 -3.98
N LEU A 714 5.42 13.72 -4.11
CA LEU A 714 6.09 14.15 -5.33
C LEU A 714 5.55 13.37 -6.52
N LEU A 715 5.32 12.06 -6.34
CA LEU A 715 4.75 11.26 -7.42
C LEU A 715 3.35 11.75 -7.79
N LEU A 716 2.53 12.06 -6.78
CA LEU A 716 1.19 12.56 -7.03
C LEU A 716 1.21 13.88 -7.76
N GLU A 717 2.11 14.80 -7.38
CA GLU A 717 2.14 16.08 -8.06
C GLU A 717 2.60 15.93 -9.51
N SER A 718 3.53 15.02 -9.78
CA SER A 718 3.93 14.76 -11.15
C SER A 718 2.75 14.23 -11.97
N TYR A 719 2.03 13.26 -11.41
CA TYR A 719 0.87 12.70 -12.08
C TYR A 719 -0.17 13.78 -12.37
N CYS A 720 -0.50 14.57 -11.35
CA CYS A 720 -1.50 15.62 -11.52
C CYS A 720 -1.03 16.70 -12.50
N ARG A 721 0.28 16.93 -12.62
CA ARG A 721 0.77 17.77 -13.70
C ARG A 721 0.36 17.20 -15.05
N ALA A 722 0.55 15.90 -15.26
CA ALA A 722 0.32 15.35 -16.59
C ALA A 722 -0.83 14.35 -16.67
N CYS A 723 -1.76 14.37 -15.72
CA CYS A 723 -2.86 13.40 -15.78
C CYS A 723 -3.92 13.80 -16.80
N GLY A 724 -3.81 14.96 -17.43
CA GLY A 724 -4.80 15.38 -18.40
C GLY A 724 -6.02 16.01 -17.76
N MET A 725 -7.18 15.78 -18.38
CA MET A 725 -8.42 16.39 -17.93
C MET A 725 -9.11 15.62 -16.80
N TYR A 726 -8.62 14.44 -16.45
CA TYR A 726 -9.27 13.64 -15.41
C TYR A 726 -9.17 14.29 -14.04
N LEU A 727 -8.23 15.22 -13.85
CA LEU A 727 -7.94 15.74 -12.52
C LEU A 727 -9.19 16.36 -11.90
N LYS A 728 -9.91 17.17 -12.68
CA LYS A 728 -11.16 17.76 -12.21
C LYS A 728 -12.09 16.69 -11.65
N HIS A 729 -12.31 15.61 -12.42
CA HIS A 729 -13.12 14.51 -11.93
C HIS A 729 -12.59 13.99 -10.61
N LEU A 730 -11.27 13.73 -10.55
CA LEU A 730 -10.65 13.26 -9.32
C LEU A 730 -11.01 14.19 -8.17
N ASN A 731 -10.89 15.50 -8.40
CA ASN A 731 -11.22 16.47 -7.36
C ASN A 731 -12.62 16.23 -6.83
N ARG A 732 -13.60 16.11 -7.73
CA ARG A 732 -14.97 15.88 -7.27
C ARG A 732 -15.05 14.64 -6.41
N GLN A 733 -14.43 13.54 -6.87
CA GLN A 733 -14.37 12.33 -6.05
C GLN A 733 -13.79 12.67 -4.68
N VAL A 734 -12.61 13.31 -4.68
CA VAL A 734 -11.99 13.69 -3.42
C VAL A 734 -12.94 14.55 -2.60
N GLU A 735 -13.54 15.56 -3.24
CA GLU A 735 -14.49 16.41 -2.54
C GLU A 735 -15.57 15.55 -1.91
N ALA A 736 -16.19 14.68 -2.71
CA ALA A 736 -17.23 13.81 -2.19
C ALA A 736 -16.72 13.02 -1.01
N MET A 737 -15.55 12.39 -1.17
CA MET A 737 -15.01 11.57 -0.10
C MET A 737 -14.83 12.40 1.16
N GLU A 738 -14.26 13.60 1.00
CA GLU A 738 -14.05 14.46 2.17
C GLU A 738 -15.35 14.67 2.90
N LYS A 739 -16.40 15.08 2.19
CA LYS A 739 -17.69 15.30 2.82
C LYS A 739 -18.09 14.07 3.61
N LEU A 740 -18.02 12.91 2.97
CA LEU A 740 -18.41 11.67 3.64
C LEU A 740 -17.62 11.48 4.92
N ILE A 741 -16.28 11.59 4.84
CA ILE A 741 -15.47 11.41 6.03
C ILE A 741 -15.93 12.37 7.10
N ASN A 742 -16.12 13.65 6.73
CA ASN A 742 -16.53 14.64 7.70
C ASN A 742 -17.84 14.23 8.36
N LEU A 743 -18.80 13.78 7.56
CA LEU A 743 -20.08 13.35 8.12
C LEU A 743 -19.84 12.24 9.14
N THR A 744 -19.05 11.24 8.75
CA THR A 744 -18.79 10.12 9.66
C THR A 744 -18.04 10.60 10.89
N ASP A 745 -17.19 11.61 10.74
CA ASP A 745 -16.52 12.18 11.91
C ASP A 745 -17.55 12.71 12.88
N ILE A 746 -18.54 13.44 12.39
CA ILE A 746 -19.60 13.93 13.26
C ILE A 746 -20.39 12.74 13.82
N LEU A 747 -20.46 11.65 13.07
CA LEU A 747 -21.10 10.44 13.57
C LEU A 747 -20.24 9.78 14.65
N LYS A 748 -18.92 9.92 14.55
CA LYS A 748 -18.03 9.17 15.43
C LYS A 748 -18.08 9.69 16.87
N GLN A 749 -18.02 11.00 17.04
CA GLN A 749 -17.99 11.58 18.39
C GLN A 749 -19.29 12.28 18.78
N GLU A 750 -19.89 13.05 17.89
CA GLU A 750 -21.12 13.76 18.25
C GLU A 750 -22.31 12.81 18.31
N LYS A 751 -22.32 11.79 17.46
CA LYS A 751 -23.44 10.86 17.38
C LYS A 751 -23.11 9.48 17.93
N LYS A 752 -22.11 9.37 18.80
CA LYS A 752 -21.75 8.05 19.34
C LYS A 752 -22.80 7.55 20.32
N ASP A 753 -23.37 8.43 21.14
CA ASP A 753 -24.26 8.02 22.22
C ASP A 753 -25.74 8.18 21.92
N GLU A 754 -26.10 8.76 20.78
CA GLU A 754 -27.51 8.85 20.41
C GLU A 754 -27.97 7.59 19.66
N THR A 755 -29.29 7.42 19.63
CA THR A 755 -29.90 6.20 19.13
C THR A 755 -30.00 6.19 17.60
N GLN A 756 -30.59 5.12 17.06
CA GLN A 756 -30.61 4.93 15.60
C GLN A 756 -31.50 5.96 14.90
N LYS A 757 -32.69 6.22 15.44
CA LYS A 757 -33.63 7.10 14.75
C LYS A 757 -33.13 8.54 14.72
N VAL A 758 -32.59 9.03 15.83
CA VAL A 758 -32.11 10.40 15.87
C VAL A 758 -30.84 10.56 15.05
N GLN A 759 -29.96 9.55 15.04
CA GLN A 759 -28.81 9.58 14.16
C GLN A 759 -29.24 9.60 12.70
N MET A 760 -30.28 8.82 12.36
CA MET A 760 -30.77 8.81 11.00
C MET A 760 -31.36 10.16 10.60
N LYS A 761 -32.12 10.79 11.50
CA LYS A 761 -32.70 12.09 11.17
C LYS A 761 -31.61 13.16 11.03
N PHE A 762 -30.58 13.10 11.87
CA PHE A 762 -29.47 14.05 11.72
C PHE A 762 -28.71 13.79 10.43
N LEU A 763 -28.57 12.51 10.04
CA LEU A 763 -27.97 12.18 8.77
C LEU A 763 -28.76 12.77 7.61
N VAL A 764 -30.09 12.65 7.68
CA VAL A 764 -30.94 13.22 6.63
C VAL A 764 -30.79 14.74 6.59
N GLU A 765 -30.75 15.38 7.76
CA GLU A 765 -30.55 16.83 7.81
C GLU A 765 -29.22 17.22 7.17
N GLN A 766 -28.17 16.47 7.45
CA GLN A 766 -26.86 16.75 6.85
C GLN A 766 -26.91 16.53 5.34
N MET A 767 -27.64 15.52 4.88
CA MET A 767 -27.78 15.27 3.45
C MET A 767 -28.47 16.45 2.76
N ARG A 768 -29.52 16.98 3.39
CA ARG A 768 -30.36 17.97 2.73
C ARG A 768 -29.63 19.29 2.45
N ARG A 769 -28.45 19.49 3.02
CA ARG A 769 -27.70 20.70 2.74
C ARG A 769 -27.32 20.76 1.27
N PRO A 770 -27.55 21.88 0.58
CA PRO A 770 -27.29 21.94 -0.86
C PRO A 770 -25.83 21.71 -1.24
N ASP A 771 -24.88 22.12 -0.41
CA ASP A 771 -23.48 21.88 -0.71
C ASP A 771 -23.16 20.39 -0.69
N PHE A 772 -23.77 19.66 0.26
CA PHE A 772 -23.60 18.21 0.29
C PHE A 772 -24.14 17.56 -0.99
N MET A 773 -25.32 17.99 -1.43
CA MET A 773 -25.86 17.48 -2.69
C MET A 773 -24.94 17.81 -3.86
N ASP A 774 -24.40 19.02 -3.89
CA ASP A 774 -23.52 19.38 -5.01
C ASP A 774 -22.25 18.54 -5.02
N ALA A 775 -21.70 18.25 -3.84
CA ALA A 775 -20.45 17.49 -3.75
C ALA A 775 -20.64 16.00 -3.99
N LEU A 776 -21.76 15.43 -3.55
CA LEU A 776 -21.96 13.99 -3.53
C LEU A 776 -22.57 13.42 -4.82
N GLN A 777 -22.90 14.25 -5.80
CA GLN A 777 -23.53 13.75 -7.01
C GLN A 777 -22.75 14.19 -8.24
N GLY A 778 -22.96 13.46 -9.33
CA GLY A 778 -22.41 13.85 -10.62
C GLY A 778 -20.94 13.60 -10.83
N PHE A 779 -20.39 12.56 -10.22
CA PHE A 779 -18.98 12.23 -10.37
C PHE A 779 -18.80 10.75 -10.66
N LEU A 780 -17.65 10.42 -11.26
CA LEU A 780 -17.31 9.03 -11.54
C LEU A 780 -17.11 8.28 -10.23
N SER A 781 -16.79 7.01 -10.34
CA SER A 781 -16.66 6.26 -9.10
C SER A 781 -15.20 5.99 -8.79
N PRO A 782 -14.84 5.95 -7.50
CA PRO A 782 -13.48 5.51 -7.16
C PRO A 782 -13.28 4.02 -7.36
N LEU A 783 -14.33 3.22 -7.14
CA LEU A 783 -14.24 1.77 -7.33
C LEU A 783 -14.11 1.40 -8.80
N ASN A 784 -14.82 2.11 -9.67
CA ASN A 784 -14.74 1.88 -11.10
C ASN A 784 -14.97 3.19 -11.83
N PRO A 785 -13.95 3.72 -12.52
CA PRO A 785 -14.14 5.00 -13.24
C PRO A 785 -15.22 4.95 -14.31
N ALA A 786 -15.53 3.77 -14.84
CA ALA A 786 -16.47 3.68 -15.95
C ALA A 786 -17.92 3.84 -15.50
N HIS A 787 -18.23 3.62 -14.23
CA HIS A 787 -19.60 3.72 -13.73
C HIS A 787 -19.79 5.06 -13.02
N GLN A 788 -20.68 5.88 -13.54
CA GLN A 788 -20.93 7.21 -13.03
C GLN A 788 -21.96 7.16 -11.91
N LEU A 789 -21.75 7.99 -10.89
CA LEU A 789 -22.72 8.17 -9.83
C LEU A 789 -23.59 9.38 -10.13
N GLY A 790 -24.90 9.22 -9.93
CA GLY A 790 -25.82 10.29 -10.23
C GLY A 790 -26.53 10.83 -9.00
N ASN A 791 -27.78 11.26 -9.17
CA ASN A 791 -28.50 11.87 -8.07
C ASN A 791 -28.69 10.87 -6.94
N LEU A 792 -28.40 11.30 -5.71
CA LEU A 792 -28.56 10.43 -4.55
C LEU A 792 -30.03 10.14 -4.29
N ARG A 793 -30.27 8.99 -3.66
CA ARG A 793 -31.61 8.57 -3.26
C ARG A 793 -31.65 8.64 -1.74
N LEU A 794 -32.11 9.79 -1.22
CA LEU A 794 -32.10 10.00 0.23
C LEU A 794 -32.92 8.95 0.97
N GLU A 795 -33.95 8.40 0.33
CA GLU A 795 -34.76 7.38 0.99
C GLU A 795 -33.99 6.06 1.10
N GLU A 796 -33.22 5.71 0.08
CA GLU A 796 -32.44 4.48 0.13
C GLU A 796 -31.20 4.61 0.99
N CYS A 797 -30.62 5.80 1.08
CA CYS A 797 -29.42 5.99 1.89
C CYS A 797 -29.77 5.90 3.37
N ARG A 798 -29.02 5.11 4.12
CA ARG A 798 -29.33 4.84 5.51
C ARG A 798 -28.07 4.33 6.21
N ILE A 799 -28.03 4.52 7.53
CA ILE A 799 -26.89 4.12 8.34
C ILE A 799 -27.20 2.78 9.00
N MET A 800 -26.26 1.85 8.88
CA MET A 800 -26.49 0.48 9.36
C MET A 800 -26.62 0.43 10.87
N SER A 801 -27.30 -0.60 11.35
CA SER A 801 -27.46 -0.83 12.79
C SER A 801 -26.37 -1.72 13.35
N SER A 802 -25.40 -2.14 12.55
CA SER A 802 -24.31 -2.98 13.04
C SER A 802 -23.38 -2.16 13.93
N ALA A 803 -22.43 -2.85 14.56
CA ALA A 803 -21.54 -2.20 15.52
C ALA A 803 -20.65 -1.16 14.86
N LYS A 804 -20.27 -1.39 13.60
CA LYS A 804 -19.41 -0.43 12.90
C LYS A 804 -20.14 0.88 12.62
N ARG A 805 -21.43 0.80 12.27
CA ARG A 805 -22.26 1.92 11.81
C ARG A 805 -21.67 2.57 10.57
N PRO A 806 -21.57 1.85 9.43
CA PRO A 806 -21.15 2.51 8.19
C PRO A 806 -22.33 3.14 7.46
N LEU A 807 -22.12 3.66 6.26
CA LEU A 807 -23.17 4.36 5.53
C LEU A 807 -23.50 3.66 4.21
N TRP A 808 -24.80 3.56 3.92
CA TRP A 808 -25.28 3.04 2.65
C TRP A 808 -25.61 4.22 1.75
N LEU A 809 -25.01 4.26 0.56
CA LEU A 809 -25.25 5.35 -0.38
C LEU A 809 -25.66 4.77 -1.73
N ASN A 810 -26.76 5.31 -2.27
CA ASN A 810 -27.37 4.80 -3.49
C ASN A 810 -27.40 5.90 -4.54
N TRP A 811 -26.97 5.57 -5.76
CA TRP A 811 -26.84 6.52 -6.85
C TRP A 811 -27.61 6.01 -8.07
N GLU A 812 -28.43 6.88 -8.66
CA GLU A 812 -29.10 6.55 -9.91
C GLU A 812 -28.12 6.70 -11.07
N ASN A 813 -28.18 5.77 -12.01
CA ASN A 813 -27.18 5.72 -13.07
C ASN A 813 -27.45 6.82 -14.08
N PRO A 814 -26.49 7.72 -14.35
CA PRO A 814 -26.71 8.76 -15.37
C PRO A 814 -26.94 8.23 -16.77
N ASP A 815 -26.40 7.06 -17.10
CA ASP A 815 -26.51 6.55 -18.47
C ASP A 815 -27.97 6.31 -18.84
N ILE A 816 -28.29 6.55 -20.11
CA ILE A 816 -29.65 6.35 -20.60
C ILE A 816 -30.04 4.88 -20.54
N MET A 817 -29.08 3.98 -20.80
CA MET A 817 -29.33 2.56 -20.67
C MET A 817 -29.19 2.11 -19.22
N SER A 818 -29.96 2.74 -18.33
CA SER A 818 -29.89 2.38 -16.92
C SER A 818 -30.48 1.01 -16.65
N GLU A 819 -31.45 0.57 -17.47
CA GLU A 819 -32.10 -0.71 -17.24
C GLU A 819 -31.23 -1.88 -17.66
N LEU A 820 -30.39 -1.70 -18.68
CA LEU A 820 -29.66 -2.82 -19.26
C LEU A 820 -28.59 -3.34 -18.31
N LEU A 821 -27.85 -2.45 -17.65
CA LEU A 821 -26.78 -2.88 -16.76
C LEU A 821 -27.27 -3.00 -15.32
N PHE A 822 -27.69 -1.88 -14.72
CA PHE A 822 -28.30 -1.89 -13.39
C PHE A 822 -28.85 -0.50 -13.09
N GLN A 823 -29.99 -0.47 -12.41
CA GLN A 823 -30.61 0.82 -12.04
C GLN A 823 -29.73 1.60 -11.08
N ASN A 824 -29.33 0.96 -9.97
CA ASN A 824 -28.80 1.67 -8.82
C ASN A 824 -27.41 1.17 -8.49
N ASN A 825 -26.50 2.11 -8.22
CA ASN A 825 -25.16 1.81 -7.74
C ASN A 825 -25.14 2.07 -6.24
N GLU A 826 -24.96 1.02 -5.45
CA GLU A 826 -24.99 1.12 -3.99
C GLU A 826 -23.60 0.80 -3.44
N ILE A 827 -23.17 1.61 -2.48
CA ILE A 827 -21.83 1.50 -1.91
C ILE A 827 -21.91 1.72 -0.40
N ILE A 828 -21.14 0.95 0.36
CA ILE A 828 -21.00 1.17 1.80
C ILE A 828 -19.71 1.93 2.05
N PHE A 829 -19.83 3.03 2.78
CA PHE A 829 -18.69 3.84 3.21
C PHE A 829 -18.41 3.50 4.67
N LYS A 830 -17.21 2.97 4.93
CA LYS A 830 -16.78 2.61 6.27
C LYS A 830 -15.68 3.56 6.74
N ASN A 831 -15.85 4.11 7.93
CA ASN A 831 -14.88 4.99 8.57
C ASN A 831 -14.53 4.38 9.93
N GLY A 832 -13.44 3.61 9.98
CA GLY A 832 -13.04 2.98 11.22
C GLY A 832 -12.57 1.55 11.09
N ASP A 833 -12.48 1.04 9.86
CA ASP A 833 -11.99 -0.30 9.60
C ASP A 833 -10.88 -0.25 8.56
N ASP A 834 -9.77 -0.91 8.84
CA ASP A 834 -8.70 -1.04 7.86
C ASP A 834 -9.16 -1.95 6.72
N LEU A 835 -8.99 -1.50 5.48
CA LEU A 835 -9.51 -2.23 4.33
C LEU A 835 -8.43 -2.44 3.26
N ARG A 836 -7.18 -2.59 3.67
CA ARG A 836 -6.13 -3.04 2.76
C ARG A 836 -5.94 -4.54 2.80
N GLN A 837 -6.17 -5.11 3.99
CA GLN A 837 -6.20 -6.57 4.14
C GLN A 837 -7.32 -7.16 3.32
N ASP A 838 -8.49 -6.51 3.35
CA ASP A 838 -9.63 -6.94 2.56
C ASP A 838 -9.33 -6.86 1.06
N MET A 839 -8.65 -5.79 0.64
CA MET A 839 -8.24 -5.70 -0.75
C MET A 839 -7.30 -6.82 -1.13
N LEU A 840 -6.35 -7.15 -0.25
CA LEU A 840 -5.42 -8.25 -0.55
C LEU A 840 -6.17 -9.57 -0.67
N THR A 841 -7.08 -9.84 0.27
CA THR A 841 -7.83 -11.10 0.22
C THR A 841 -8.65 -11.19 -1.06
N LEU A 842 -9.35 -10.11 -1.42
CA LEU A 842 -10.20 -10.15 -2.61
C LEU A 842 -9.35 -10.26 -3.88
N GLN A 843 -8.19 -9.62 -3.91
CA GLN A 843 -7.32 -9.78 -5.06
C GLN A 843 -6.86 -11.22 -5.21
N ILE A 844 -6.42 -11.83 -4.11
CA ILE A 844 -5.95 -13.20 -4.15
C ILE A 844 -7.08 -14.13 -4.57
N ILE A 845 -8.30 -13.84 -4.10
CA ILE A 845 -9.48 -14.59 -4.54
C ILE A 845 -9.66 -14.46 -6.04
N ARG A 846 -9.42 -13.26 -6.59
CA ARG A 846 -9.55 -13.06 -8.02
C ARG A 846 -8.53 -13.90 -8.80
N ILE A 847 -7.28 -13.94 -8.35
CA ILE A 847 -6.29 -14.77 -9.07
C ILE A 847 -6.61 -16.26 -8.91
N MET A 848 -7.10 -16.68 -7.74
CA MET A 848 -7.53 -18.06 -7.59
C MET A 848 -8.63 -18.41 -8.59
N GLU A 849 -9.63 -17.53 -8.70
CA GLU A 849 -10.72 -17.73 -9.66
C GLU A 849 -10.19 -17.79 -11.09
N ASN A 850 -9.25 -16.91 -11.42
CA ASN A 850 -8.72 -16.89 -12.78
C ASN A 850 -7.98 -18.18 -13.11
N ILE A 851 -7.14 -18.66 -12.19
CA ILE A 851 -6.38 -19.88 -12.47
C ILE A 851 -7.32 -21.08 -12.52
N TRP A 852 -8.33 -21.11 -11.65
CA TRP A 852 -9.30 -22.20 -11.70
C TRP A 852 -10.05 -22.23 -13.03
N GLN A 853 -10.49 -21.06 -13.50
CA GLN A 853 -11.15 -21.01 -14.80
C GLN A 853 -10.22 -21.43 -15.93
N ASN A 854 -8.97 -20.96 -15.89
CA ASN A 854 -8.02 -21.30 -16.94
C ASN A 854 -7.75 -22.80 -16.97
N GLN A 855 -7.68 -23.44 -15.80
CA GLN A 855 -7.40 -24.87 -15.75
C GLN A 855 -8.47 -25.67 -16.47
N GLY A 856 -9.74 -25.32 -16.25
CA GLY A 856 -10.85 -26.09 -16.78
C GLY A 856 -11.89 -26.37 -15.73
N LEU A 857 -11.74 -25.72 -14.57
CA LEU A 857 -12.65 -25.86 -13.45
C LEU A 857 -13.49 -24.59 -13.35
N ASP A 858 -14.80 -24.75 -13.18
CA ASP A 858 -15.71 -23.61 -13.04
C ASP A 858 -16.12 -23.50 -11.57
N LEU A 859 -15.28 -22.85 -10.78
CA LEU A 859 -15.61 -22.47 -9.41
C LEU A 859 -15.87 -20.97 -9.41
N ARG A 860 -17.04 -20.59 -8.92
CA ARG A 860 -17.53 -19.23 -9.08
C ARG A 860 -17.20 -18.40 -7.84
N MET A 861 -16.42 -17.35 -8.06
CA MET A 861 -15.95 -16.49 -6.98
C MET A 861 -16.63 -15.14 -7.11
N LEU A 862 -16.63 -14.36 -6.03
CA LEU A 862 -17.07 -12.96 -6.06
C LEU A 862 -15.97 -12.05 -5.54
N PRO A 863 -15.01 -11.70 -6.38
CA PRO A 863 -14.03 -10.66 -6.03
C PRO A 863 -14.63 -9.27 -6.27
N TYR A 864 -15.52 -8.87 -5.36
CA TYR A 864 -16.18 -7.58 -5.54
C TYR A 864 -15.23 -6.44 -5.22
N GLY A 865 -15.57 -5.25 -5.71
CA GLY A 865 -14.68 -4.11 -5.59
C GLY A 865 -14.54 -3.65 -4.15
N CYS A 866 -13.31 -3.27 -3.79
CA CYS A 866 -12.99 -2.69 -2.50
C CYS A 866 -11.94 -1.62 -2.72
N LEU A 867 -12.00 -0.54 -1.95
CA LEU A 867 -10.98 0.50 -2.04
C LEU A 867 -10.75 1.12 -0.68
N SER A 868 -9.48 1.32 -0.35
CA SER A 868 -9.07 2.12 0.79
C SER A 868 -8.42 3.38 0.27
N ILE A 869 -8.89 4.53 0.75
CA ILE A 869 -8.42 5.83 0.28
C ILE A 869 -7.71 6.62 1.37
N GLY A 870 -7.66 6.09 2.59
CA GLY A 870 -7.03 6.81 3.69
C GLY A 870 -6.70 5.92 4.87
N ASP A 871 -6.94 6.40 6.08
CA ASP A 871 -6.72 5.64 7.30
C ASP A 871 -8.08 5.22 7.86
N CYS A 872 -8.35 3.91 7.84
CA CYS A 872 -9.63 3.37 8.29
C CYS A 872 -10.81 3.94 7.51
N VAL A 873 -10.55 4.36 6.27
CA VAL A 873 -11.57 4.91 5.38
C VAL A 873 -11.64 4.04 4.13
N GLY A 874 -12.83 3.58 3.79
CA GLY A 874 -12.95 2.70 2.64
C GLY A 874 -14.34 2.64 2.04
N LEU A 875 -14.37 2.25 0.77
CA LEU A 875 -15.59 2.05 0.01
C LEU A 875 -15.67 0.59 -0.41
N ILE A 876 -16.82 -0.04 -0.15
CA ILE A 876 -17.05 -1.41 -0.55
C ILE A 876 -18.34 -1.49 -1.37
N GLU A 877 -18.33 -2.34 -2.40
CA GLU A 877 -19.47 -2.49 -3.29
C GLU A 877 -20.62 -3.20 -2.60
N VAL A 878 -21.79 -3.13 -3.23
CA VAL A 878 -22.97 -3.87 -2.80
C VAL A 878 -23.27 -4.92 -3.85
N VAL A 879 -23.62 -6.11 -3.39
CA VAL A 879 -24.00 -7.22 -4.26
C VAL A 879 -25.52 -7.37 -4.19
N ARG A 880 -26.14 -7.50 -5.36
CA ARG A 880 -27.59 -7.47 -5.44
C ARG A 880 -28.21 -8.79 -5.06
N ASN A 881 -29.34 -8.72 -4.35
CA ASN A 881 -30.17 -9.88 -4.00
C ASN A 881 -29.43 -10.88 -3.13
N SER A 882 -28.48 -10.43 -2.33
CA SER A 882 -27.70 -11.30 -1.47
C SER A 882 -28.12 -11.11 -0.01
N HIS A 883 -28.12 -12.20 0.74
CA HIS A 883 -28.46 -12.16 2.15
C HIS A 883 -27.51 -13.05 2.92
N THR A 884 -27.21 -12.66 4.15
CA THR A 884 -26.33 -13.45 4.99
C THR A 884 -26.99 -14.77 5.35
N ILE A 885 -26.15 -15.72 5.80
CA ILE A 885 -26.68 -17.01 6.24
C ILE A 885 -27.63 -16.81 7.43
N MET A 886 -27.31 -15.87 8.32
CA MET A 886 -28.20 -15.58 9.43
C MET A 886 -29.55 -15.06 8.94
N GLN A 887 -29.54 -14.14 7.98
CA GLN A 887 -30.79 -13.59 7.45
C GLN A 887 -31.61 -14.66 6.74
N ILE A 888 -30.95 -15.50 5.93
CA ILE A 888 -31.66 -16.55 5.21
C ILE A 888 -32.25 -17.57 6.18
N GLN A 889 -31.46 -17.98 7.18
CA GLN A 889 -31.92 -18.99 8.12
C GLN A 889 -33.04 -18.46 9.00
N CYS A 890 -32.93 -17.20 9.46
CA CYS A 890 -34.00 -16.62 10.26
C CYS A 890 -35.28 -16.48 9.45
N LYS A 891 -35.17 -16.07 8.19
CA LYS A 891 -36.33 -15.91 7.33
C LYS A 891 -36.44 -17.07 6.34
N ASN A 901 -33.63 -24.94 11.74
CA ASN A 901 -32.83 -26.14 11.92
C ASN A 901 -31.72 -26.24 10.88
N SER A 902 -31.59 -27.42 10.27
CA SER A 902 -30.52 -27.66 9.31
C SER A 902 -30.97 -27.51 7.86
N HIS A 903 -32.27 -27.55 7.59
CA HIS A 903 -32.78 -27.53 6.22
C HIS A 903 -33.28 -26.14 5.80
N THR A 904 -33.09 -25.11 6.63
CA THR A 904 -33.66 -23.81 6.33
C THR A 904 -33.04 -23.19 5.07
N LEU A 905 -31.71 -23.25 4.94
CA LEU A 905 -31.06 -22.65 3.78
C LEU A 905 -31.45 -23.37 2.50
N HIS A 906 -31.51 -24.71 2.53
CA HIS A 906 -31.91 -25.44 1.34
C HIS A 906 -33.38 -25.18 1.02
N GLN A 907 -34.22 -25.05 2.04
CA GLN A 907 -35.62 -24.72 1.79
C GLN A 907 -35.75 -23.35 1.13
N TRP A 908 -34.98 -22.38 1.59
CA TRP A 908 -34.99 -21.05 0.96
C TRP A 908 -34.53 -21.13 -0.49
N LEU A 909 -33.45 -21.88 -0.74
CA LEU A 909 -32.96 -21.99 -2.11
C LEU A 909 -33.96 -22.71 -3.00
N LYS A 910 -34.68 -23.69 -2.45
CA LYS A 910 -35.74 -24.35 -3.20
C LYS A 910 -36.87 -23.40 -3.53
N ASP A 911 -37.30 -22.60 -2.55
CA ASP A 911 -38.38 -21.65 -2.78
C ASP A 911 -37.98 -20.62 -3.83
N LYS A 912 -36.72 -20.19 -3.81
CA LYS A 912 -36.26 -19.19 -4.77
C LYS A 912 -35.82 -19.79 -6.10
N ASN A 913 -35.74 -21.12 -6.22
CA ASN A 913 -35.32 -21.74 -7.46
C ASN A 913 -36.12 -22.99 -7.79
N LYS A 914 -37.40 -23.03 -7.41
CA LYS A 914 -38.22 -24.19 -7.72
C LYS A 914 -38.40 -24.34 -9.23
N GLY A 915 -38.39 -25.59 -9.69
CA GLY A 915 -38.51 -25.88 -11.10
C GLY A 915 -37.24 -26.43 -11.72
N GLU A 916 -36.93 -26.01 -12.94
CA GLU A 916 -35.69 -26.43 -13.59
C GLU A 916 -34.48 -25.73 -13.00
N ILE A 917 -34.66 -24.58 -12.37
CA ILE A 917 -33.54 -23.84 -11.78
C ILE A 917 -32.93 -24.57 -10.61
N TYR A 918 -33.61 -25.61 -10.09
CA TYR A 918 -33.12 -26.33 -8.92
C TYR A 918 -31.73 -26.91 -9.16
N ASP A 919 -31.55 -27.65 -10.25
CA ASP A 919 -30.30 -28.35 -10.46
C ASP A 919 -29.15 -27.37 -10.71
N ALA A 920 -29.38 -26.35 -11.52
CA ALA A 920 -28.32 -25.36 -11.77
C ALA A 920 -27.99 -24.57 -10.51
N ALA A 921 -29.00 -24.27 -9.70
CA ALA A 921 -28.74 -23.58 -8.43
C ALA A 921 -27.90 -24.44 -7.51
N ILE A 922 -28.21 -25.73 -7.41
CA ILE A 922 -27.44 -26.64 -6.56
C ILE A 922 -26.01 -26.74 -7.08
N ASP A 923 -25.84 -26.83 -8.40
CA ASP A 923 -24.51 -26.94 -8.99
C ASP A 923 -23.68 -25.69 -8.70
N LEU A 924 -24.26 -24.51 -8.87
CA LEU A 924 -23.53 -23.29 -8.59
C LEU A 924 -23.20 -23.16 -7.11
N PHE A 925 -24.13 -23.56 -6.24
CA PHE A 925 -23.85 -23.55 -4.81
C PHE A 925 -22.69 -24.48 -4.47
N THR A 926 -22.67 -25.68 -5.05
CA THR A 926 -21.56 -26.60 -4.77
C THR A 926 -20.24 -26.03 -5.23
N ARG A 927 -20.20 -25.49 -6.45
CA ARG A 927 -18.92 -24.99 -6.97
C ARG A 927 -18.43 -23.77 -6.19
N SER A 928 -19.34 -22.86 -5.84
CA SER A 928 -18.97 -21.70 -5.05
C SER A 928 -18.47 -22.13 -3.68
N CYS A 929 -19.16 -23.08 -3.05
CA CYS A 929 -18.73 -23.57 -1.75
C CYS A 929 -17.37 -24.24 -1.82
N ALA A 930 -17.12 -25.02 -2.86
CA ALA A 930 -15.81 -25.66 -3.00
C ALA A 930 -14.72 -24.61 -3.12
N GLY A 931 -14.93 -23.62 -3.98
CA GLY A 931 -13.92 -22.58 -4.15
C GLY A 931 -13.65 -21.82 -2.85
N TYR A 932 -14.71 -21.48 -2.12
CA TYR A 932 -14.50 -20.66 -0.93
C TYR A 932 -13.95 -21.47 0.24
N CYS A 933 -14.31 -22.75 0.35
CA CYS A 933 -13.67 -23.61 1.35
C CYS A 933 -12.18 -23.72 1.08
N VAL A 934 -11.81 -23.98 -0.18
CA VAL A 934 -10.39 -24.10 -0.53
C VAL A 934 -9.66 -22.79 -0.24
N ALA A 935 -10.24 -21.66 -0.64
CA ALA A 935 -9.57 -20.37 -0.47
C ALA A 935 -9.44 -19.98 1.00
N THR A 936 -10.52 -20.13 1.78
CA THR A 936 -10.46 -19.76 3.18
C THR A 936 -9.55 -20.68 3.97
N PHE A 937 -9.42 -21.95 3.55
CA PHE A 937 -8.43 -22.79 4.20
C PHE A 937 -7.01 -22.36 3.86
N ILE A 938 -6.73 -22.17 2.57
CA ILE A 938 -5.36 -21.89 2.16
C ILE A 938 -4.88 -20.57 2.74
N LEU A 939 -5.70 -19.52 2.65
CA LEU A 939 -5.29 -18.25 3.24
C LEU A 939 -5.57 -18.18 4.74
N GLY A 940 -6.25 -19.17 5.29
CA GLY A 940 -6.48 -19.21 6.73
C GLY A 940 -7.26 -18.03 7.25
N ILE A 941 -8.37 -17.69 6.58
CA ILE A 941 -9.15 -16.53 6.98
C ILE A 941 -9.74 -16.77 8.38
N GLY A 942 -10.21 -15.69 8.99
CA GLY A 942 -10.68 -15.73 10.37
C GLY A 942 -11.90 -16.58 10.60
N ASP A 943 -12.48 -16.47 11.80
CA ASP A 943 -13.69 -17.23 12.12
C ASP A 943 -14.85 -16.69 11.31
N ARG A 944 -15.53 -17.58 10.57
CA ARG A 944 -16.62 -17.21 9.68
C ARG A 944 -17.92 -17.72 10.30
N HIS A 945 -18.65 -16.81 10.94
CA HIS A 945 -19.98 -17.14 11.42
C HIS A 945 -20.99 -16.91 10.29
N ASN A 946 -22.28 -16.90 10.64
CA ASN A 946 -23.32 -16.78 9.63
C ASN A 946 -23.23 -15.44 8.89
N SER A 947 -22.93 -14.37 9.62
CA SER A 947 -22.96 -13.03 9.03
C SER A 947 -21.88 -12.83 7.98
N ASN A 948 -20.82 -13.65 8.02
CA ASN A 948 -19.70 -13.47 7.09
C ASN A 948 -19.97 -14.06 5.72
N ILE A 949 -21.04 -14.84 5.56
CA ILE A 949 -21.28 -15.63 4.36
C ILE A 949 -22.65 -15.26 3.81
N MET A 950 -22.71 -14.97 2.51
CA MET A 950 -23.95 -14.62 1.86
C MET A 950 -24.19 -15.49 0.64
N VAL A 951 -25.46 -15.69 0.32
CA VAL A 951 -25.88 -16.48 -0.84
C VAL A 951 -26.83 -15.63 -1.67
N LYS A 952 -26.56 -15.54 -2.97
CA LYS A 952 -27.45 -14.83 -3.88
C LYS A 952 -28.71 -15.66 -4.12
N ASP A 953 -29.59 -15.13 -4.96
CA ASP A 953 -30.72 -15.93 -5.43
C ASP A 953 -30.32 -16.92 -6.50
N ASP A 954 -29.30 -16.59 -7.30
CA ASP A 954 -28.86 -17.45 -8.38
C ASP A 954 -28.38 -18.80 -7.86
N GLY A 955 -27.66 -18.79 -6.75
CA GLY A 955 -27.09 -20.00 -6.19
C GLY A 955 -25.67 -19.77 -5.73
N GLN A 956 -25.08 -18.65 -6.13
CA GLN A 956 -23.71 -18.33 -5.75
C GLN A 956 -23.61 -18.07 -4.26
N LEU A 957 -22.45 -18.41 -3.70
CA LEU A 957 -22.13 -18.16 -2.30
C LEU A 957 -20.80 -17.42 -2.24
N PHE A 958 -20.67 -16.55 -1.25
CA PHE A 958 -19.48 -15.72 -1.16
C PHE A 958 -19.31 -15.24 0.28
N HIS A 959 -18.11 -14.75 0.57
CA HIS A 959 -17.76 -14.20 1.86
C HIS A 959 -17.54 -12.70 1.70
N ILE A 960 -17.95 -11.93 2.72
CA ILE A 960 -17.96 -10.47 2.60
C ILE A 960 -16.76 -9.83 3.27
N ASP A 961 -16.62 -9.99 4.58
CA ASP A 961 -15.60 -9.26 5.32
C ASP A 961 -14.44 -10.18 5.67
N PHE A 962 -13.26 -9.57 5.80
CA PHE A 962 -12.02 -10.31 6.04
C PHE A 962 -11.21 -9.56 7.08
N GLY A 963 -9.92 -9.87 7.20
CA GLY A 963 -9.09 -9.18 8.17
C GLY A 963 -8.06 -10.07 8.82
N HIS A 964 -8.14 -11.38 8.57
CA HIS A 964 -7.11 -12.33 8.98
C HIS A 964 -6.75 -13.12 7.73
N PHE A 965 -5.84 -12.58 6.93
CA PHE A 965 -5.48 -13.28 5.70
C PHE A 965 -4.29 -14.20 5.86
N LEU A 966 -3.69 -14.28 7.06
CA LEU A 966 -2.71 -15.31 7.36
C LEU A 966 -2.82 -15.78 8.80
N ASP A 967 -4.03 -15.75 9.37
CA ASP A 967 -4.29 -16.20 10.73
C ASP A 967 -3.43 -15.43 11.75
N HIS A 968 -3.78 -14.15 11.90
CA HIS A 968 -3.08 -13.22 12.78
C HIS A 968 -2.91 -13.76 14.20
N LYS A 969 -3.62 -14.84 14.53
CA LYS A 969 -3.42 -15.54 15.80
C LYS A 969 -2.02 -16.12 15.87
N LYS A 970 -1.69 -16.79 16.97
CA LYS A 970 -0.33 -17.27 17.20
C LYS A 970 0.20 -18.08 16.01
N LYS A 971 -0.57 -19.02 15.53
CA LYS A 971 -0.20 -19.78 14.33
C LYS A 971 -1.41 -20.48 13.71
N GLU A 978 -3.42 -26.81 9.02
CA GLU A 978 -3.73 -26.30 10.35
C GLU A 978 -4.67 -25.11 10.28
N ARG A 979 -5.55 -25.00 11.28
CA ARG A 979 -6.50 -23.90 11.40
C ARG A 979 -7.41 -23.81 10.17
N VAL A 980 -8.26 -24.83 10.05
CA VAL A 980 -9.36 -24.81 9.09
C VAL A 980 -10.46 -23.95 9.67
N PRO A 981 -10.63 -22.70 9.19
CA PRO A 981 -11.64 -21.83 9.77
C PRO A 981 -13.05 -22.17 9.34
N PHE A 982 -13.20 -22.48 8.06
CA PHE A 982 -14.52 -22.69 7.45
C PHE A 982 -14.77 -24.19 7.39
N VAL A 983 -15.38 -24.71 8.45
CA VAL A 983 -15.83 -26.10 8.50
C VAL A 983 -17.20 -26.18 7.86
N LEU A 984 -17.42 -27.22 7.06
CA LEU A 984 -18.67 -27.34 6.33
C LEU A 984 -19.82 -27.59 7.28
N THR A 985 -20.67 -26.59 7.47
CA THR A 985 -21.82 -26.74 8.36
C THR A 985 -22.82 -27.71 7.75
N GLN A 986 -23.59 -28.38 8.62
CA GLN A 986 -24.57 -29.35 8.16
C GLN A 986 -25.54 -28.75 7.14
N ASP A 987 -25.84 -27.46 7.28
CA ASP A 987 -26.67 -26.78 6.29
C ASP A 987 -26.02 -26.83 4.92
N PHE A 988 -24.72 -26.59 4.89
CA PHE A 988 -23.98 -26.58 3.64
C PHE A 988 -24.03 -27.95 2.98
N LEU A 989 -23.79 -29.00 3.77
CA LEU A 989 -23.85 -30.36 3.25
C LEU A 989 -25.24 -30.69 2.72
N ILE A 990 -26.28 -30.29 3.45
CA ILE A 990 -27.65 -30.56 3.02
C ILE A 990 -27.91 -29.91 1.67
N VAL A 991 -27.44 -28.67 1.50
CA VAL A 991 -27.63 -28.01 0.21
C VAL A 991 -26.80 -28.69 -0.89
N ILE A 992 -25.61 -29.19 -0.57
CA ILE A 992 -24.76 -29.79 -1.58
C ILE A 992 -25.41 -31.03 -2.19
N SER A 993 -25.92 -31.92 -1.33
CA SER A 993 -26.44 -33.21 -1.76
C SER A 993 -27.95 -33.20 -1.93
N LYS A 994 -28.53 -32.04 -2.23
CA LYS A 994 -29.94 -31.91 -2.59
C LYS A 994 -30.86 -32.41 -1.49
N GLY A 995 -30.54 -32.06 -0.25
CA GLY A 995 -31.43 -32.31 0.87
C GLY A 995 -31.43 -33.72 1.41
N ALA A 996 -30.58 -34.61 0.87
CA ALA A 996 -30.50 -35.97 1.39
C ALA A 996 -29.91 -35.97 2.79
N GLN A 997 -30.50 -36.77 3.68
CA GLN A 997 -30.02 -36.83 5.06
C GLN A 997 -28.58 -37.35 5.13
N GLU A 998 -28.28 -38.40 4.36
CA GLU A 998 -26.92 -38.94 4.31
C GLU A 998 -26.06 -38.05 3.41
N CYS A 999 -25.74 -36.86 3.93
CA CYS A 999 -25.02 -35.87 3.14
C CYS A 999 -23.64 -36.37 2.74
N THR A 1000 -22.95 -37.04 3.65
CA THR A 1000 -21.63 -37.58 3.33
C THR A 1000 -21.74 -38.74 2.33
N LYS A 1001 -22.80 -39.54 2.43
CA LYS A 1001 -22.96 -40.72 1.59
C LYS A 1001 -23.83 -40.38 0.37
N THR A 1002 -23.31 -39.48 -0.45
CA THR A 1002 -23.94 -39.12 -1.72
C THR A 1002 -22.85 -38.93 -2.78
N ARG A 1003 -23.26 -39.05 -4.04
CA ARG A 1003 -22.33 -38.79 -5.13
C ARG A 1003 -22.04 -37.30 -5.28
N GLU A 1004 -23.00 -36.45 -4.92
CA GLU A 1004 -22.75 -35.01 -4.92
C GLU A 1004 -21.63 -34.65 -3.96
N PHE A 1005 -21.60 -35.30 -2.80
CA PHE A 1005 -20.52 -35.05 -1.85
C PHE A 1005 -19.18 -35.52 -2.39
N GLU A 1006 -19.18 -36.64 -3.12
CA GLU A 1006 -17.95 -37.13 -3.73
C GLU A 1006 -17.41 -36.15 -4.76
N ARG A 1007 -18.29 -35.63 -5.63
CA ARG A 1007 -17.82 -34.66 -6.62
C ARG A 1007 -17.44 -33.33 -5.98
N PHE A 1008 -18.12 -32.95 -4.90
CA PHE A 1008 -17.73 -31.76 -4.14
C PHE A 1008 -16.31 -31.90 -3.61
N GLN A 1009 -16.01 -33.04 -2.99
CA GLN A 1009 -14.66 -33.27 -2.48
C GLN A 1009 -13.64 -33.34 -3.61
N GLU A 1010 -14.01 -33.91 -4.74
CA GLU A 1010 -13.06 -34.02 -5.84
C GLU A 1010 -12.74 -32.65 -6.43
N MET A 1011 -13.76 -31.78 -6.53
CA MET A 1011 -13.50 -30.40 -6.96
C MET A 1011 -12.62 -29.68 -5.95
N CYS A 1012 -12.84 -29.91 -4.65
CA CYS A 1012 -11.97 -29.31 -3.65
C CYS A 1012 -10.53 -29.76 -3.81
N TYR A 1013 -10.31 -31.05 -4.08
CA TYR A 1013 -8.96 -31.56 -4.27
C TYR A 1013 -8.31 -30.92 -5.49
N LYS A 1014 -9.04 -30.84 -6.60
CA LYS A 1014 -8.48 -30.25 -7.80
C LYS A 1014 -8.16 -28.77 -7.59
N ALA A 1015 -9.03 -28.06 -6.86
CA ALA A 1015 -8.74 -26.66 -6.54
C ALA A 1015 -7.49 -26.52 -5.68
N TYR A 1016 -7.35 -27.40 -4.68
CA TYR A 1016 -6.17 -27.34 -3.81
C TYR A 1016 -4.90 -27.55 -4.60
N LEU A 1017 -4.89 -28.55 -5.50
CA LEU A 1017 -3.74 -28.74 -6.36
C LEU A 1017 -3.51 -27.54 -7.26
N ALA A 1018 -4.59 -26.95 -7.79
CA ALA A 1018 -4.45 -25.80 -8.69
C ALA A 1018 -3.78 -24.64 -7.99
N ILE A 1019 -4.15 -24.39 -6.74
CA ILE A 1019 -3.48 -23.37 -5.95
C ILE A 1019 -2.02 -23.76 -5.73
N ARG A 1020 -1.77 -25.03 -5.45
CA ARG A 1020 -0.42 -25.45 -5.07
C ARG A 1020 0.57 -25.36 -6.23
N GLN A 1021 0.14 -25.55 -7.48
CA GLN A 1021 1.14 -25.39 -8.54
C GLN A 1021 1.56 -23.93 -8.69
N HIS A 1022 0.67 -22.98 -8.41
CA HIS A 1022 0.96 -21.57 -8.61
C HIS A 1022 1.31 -20.86 -7.31
N ALA A 1023 1.48 -21.61 -6.22
CA ALA A 1023 1.86 -21.02 -4.92
C ALA A 1023 3.02 -20.04 -5.00
N ASN A 1024 3.87 -20.12 -6.02
CA ASN A 1024 4.94 -19.13 -6.15
C ASN A 1024 4.37 -17.73 -6.31
N LEU A 1025 3.31 -17.59 -7.10
CA LEU A 1025 2.68 -16.29 -7.27
C LEU A 1025 2.13 -15.76 -5.96
N PHE A 1026 1.49 -16.61 -5.18
CA PHE A 1026 0.97 -16.16 -3.88
C PHE A 1026 2.10 -15.78 -2.94
N ILE A 1027 3.20 -16.53 -2.98
CA ILE A 1027 4.35 -16.18 -2.16
C ILE A 1027 4.89 -14.80 -2.52
N ASN A 1028 5.07 -14.56 -3.82
CA ASN A 1028 5.58 -13.26 -4.26
C ASN A 1028 4.64 -12.13 -3.88
N LEU A 1029 3.34 -12.31 -4.13
CA LEU A 1029 2.38 -11.25 -3.87
C LEU A 1029 2.25 -10.97 -2.38
N PHE A 1030 2.43 -11.99 -1.53
CA PHE A 1030 2.41 -11.76 -0.09
C PHE A 1030 3.71 -11.14 0.39
N SER A 1031 4.83 -11.46 -0.25
CA SER A 1031 6.13 -10.89 0.12
C SER A 1031 6.26 -9.44 -0.34
N MET A 1032 5.44 -9.00 -1.27
CA MET A 1032 5.46 -7.59 -1.66
C MET A 1032 4.75 -6.70 -0.66
N MET A 1033 4.07 -7.26 0.34
CA MET A 1033 3.24 -6.51 1.27
C MET A 1033 3.81 -6.53 2.69
N LEU A 1034 5.13 -6.52 2.81
CA LEU A 1034 5.76 -6.64 4.12
C LEU A 1034 5.82 -5.30 4.85
N GLY A 1035 6.34 -4.27 4.18
CA GLY A 1035 6.39 -2.95 4.78
C GLY A 1035 5.13 -2.15 4.67
N SER A 1036 4.04 -2.76 4.19
CA SER A 1036 2.78 -2.05 4.02
C SER A 1036 2.26 -1.48 5.33
N GLY A 1037 2.68 -2.05 6.46
CA GLY A 1037 2.16 -1.65 7.75
C GLY A 1037 0.98 -2.48 8.22
N MET A 1038 0.49 -3.41 7.40
CA MET A 1038 -0.56 -4.31 7.85
C MET A 1038 -0.03 -5.20 8.96
N PRO A 1039 -0.70 -5.29 10.11
CA PRO A 1039 -0.20 -6.13 11.20
C PRO A 1039 -0.06 -7.60 10.83
N GLU A 1040 -0.86 -8.08 9.88
CA GLU A 1040 -0.86 -9.49 9.55
C GLU A 1040 0.31 -9.91 8.68
N LEU A 1041 0.93 -8.97 7.96
CA LEU A 1041 1.86 -9.38 6.92
C LEU A 1041 3.24 -8.74 7.05
N GLN A 1042 3.80 -8.80 8.24
CA GLN A 1042 5.24 -8.62 8.46
C GLN A 1042 5.82 -9.95 8.91
N SER A 1043 7.14 -9.98 9.10
CA SER A 1043 7.74 -11.11 9.83
C SER A 1043 7.47 -12.46 9.17
N PHE A 1044 8.24 -12.80 8.12
CA PHE A 1044 8.00 -13.98 7.27
C PHE A 1044 7.40 -15.18 7.98
N ASP A 1045 7.62 -15.31 9.29
CA ASP A 1045 6.85 -16.25 10.10
C ASP A 1045 5.36 -16.20 9.77
N ASP A 1046 4.84 -15.03 9.38
CA ASP A 1046 3.46 -14.92 8.93
C ASP A 1046 3.28 -15.53 7.54
N ILE A 1047 4.18 -15.23 6.60
CA ILE A 1047 4.05 -15.77 5.25
C ILE A 1047 4.30 -17.27 5.21
N ALA A 1048 5.02 -17.82 6.18
CA ALA A 1048 5.21 -19.26 6.23
C ALA A 1048 3.91 -20.01 6.51
N TYR A 1049 2.86 -19.31 6.93
CA TYR A 1049 1.55 -19.93 7.05
C TYR A 1049 1.04 -20.40 5.69
N ILE A 1050 1.26 -19.60 4.66
CA ILE A 1050 0.80 -19.96 3.32
C ILE A 1050 1.64 -21.09 2.74
N ARG A 1051 2.78 -21.41 3.35
CA ARG A 1051 3.55 -22.58 2.98
C ARG A 1051 3.19 -23.80 3.82
N LYS A 1052 2.72 -23.57 5.04
CA LYS A 1052 2.23 -24.67 5.87
C LYS A 1052 0.90 -25.20 5.33
N THR A 1053 -0.03 -24.31 5.01
CA THR A 1053 -1.35 -24.75 4.52
C THR A 1053 -1.27 -25.23 3.08
N LEU A 1054 -0.24 -24.85 2.34
CA LEU A 1054 -0.04 -25.38 0.99
C LEU A 1054 0.97 -26.52 0.95
N ALA A 1055 1.64 -26.81 2.08
CA ALA A 1055 2.59 -27.92 2.20
C ALA A 1055 3.58 -27.95 1.04
N LEU A 1056 4.36 -26.88 0.93
CA LEU A 1056 5.25 -26.72 -0.22
C LEU A 1056 6.49 -27.60 -0.13
N ASP A 1057 6.95 -27.91 1.08
CA ASP A 1057 8.17 -28.70 1.22
C ASP A 1057 7.96 -30.14 0.74
N LYS A 1058 6.77 -30.70 1.01
CA LYS A 1058 6.47 -32.07 0.63
C LYS A 1058 6.22 -32.18 -0.88
N THR A 1059 5.83 -33.36 -1.31
CA THR A 1059 5.39 -33.58 -2.68
C THR A 1059 3.86 -33.51 -2.73
N GLU A 1060 3.32 -33.42 -3.94
CA GLU A 1060 1.89 -33.21 -4.11
C GLU A 1060 1.05 -34.29 -3.44
N GLN A 1061 1.59 -35.50 -3.28
CA GLN A 1061 0.82 -36.58 -2.68
C GLN A 1061 0.68 -36.39 -1.17
N GLU A 1062 1.75 -35.97 -0.50
CA GLU A 1062 1.65 -35.68 0.92
C GLU A 1062 0.70 -34.53 1.19
N ALA A 1063 0.75 -33.49 0.33
CA ALA A 1063 -0.19 -32.39 0.46
C ALA A 1063 -1.62 -32.86 0.20
N LEU A 1064 -1.80 -33.76 -0.76
CA LEU A 1064 -3.11 -34.38 -0.97
C LEU A 1064 -3.63 -35.04 0.29
N GLU A 1065 -2.80 -35.88 0.91
CA GLU A 1065 -3.24 -36.57 2.12
C GLU A 1065 -3.52 -35.59 3.26
N TYR A 1066 -2.68 -34.56 3.39
CA TYR A 1066 -2.86 -33.56 4.43
C TYR A 1066 -4.19 -32.81 4.24
N PHE A 1067 -4.50 -32.42 3.01
CA PHE A 1067 -5.75 -31.71 2.75
C PHE A 1067 -6.95 -32.62 2.92
N MET A 1068 -6.83 -33.89 2.53
CA MET A 1068 -7.91 -34.84 2.76
C MET A 1068 -8.18 -34.99 4.25
N LYS A 1069 -7.13 -35.11 5.06
CA LYS A 1069 -7.31 -35.19 6.50
C LYS A 1069 -7.94 -33.92 7.06
N GLN A 1070 -7.52 -32.76 6.53
CA GLN A 1070 -8.11 -31.50 6.99
C GLN A 1070 -9.60 -31.46 6.71
N MET A 1071 -10.02 -31.86 5.51
CA MET A 1071 -11.44 -31.89 5.19
C MET A 1071 -12.18 -32.88 6.07
N ASN A 1072 -11.62 -34.09 6.25
CA ASN A 1072 -12.30 -35.11 7.04
C ASN A 1072 -12.50 -34.65 8.47
N ASP A 1073 -11.54 -33.96 9.05
CA ASP A 1073 -11.75 -33.46 10.40
C ASP A 1073 -12.85 -32.41 10.38
N ALA A 1074 -12.67 -31.36 9.58
CA ALA A 1074 -13.62 -30.23 9.53
C ALA A 1074 -15.09 -30.46 9.82
N ARG A 1075 -15.82 -30.95 8.82
CA ARG A 1075 -17.25 -31.17 8.99
C ARG A 1075 -17.54 -32.22 10.03
N HIS A 1076 -16.76 -33.30 10.07
CA HIS A 1076 -16.99 -34.42 11.00
C HIS A 1076 -18.42 -34.94 10.97
N GLY A 1077 -18.96 -35.12 9.77
CA GLY A 1077 -20.33 -35.58 9.64
C GLY A 1077 -21.38 -34.50 9.80
N GLY A 1078 -20.94 -33.24 9.80
CA GLY A 1078 -21.87 -32.13 9.98
C GLY A 1078 -21.59 -31.40 11.27
N MET B 325 28.28 -41.74 20.78
CA MET B 325 27.25 -41.26 21.69
C MET B 325 25.89 -41.23 21.00
N SER B 326 24.85 -41.58 21.75
CA SER B 326 23.51 -41.61 21.20
C SER B 326 22.97 -40.21 20.97
N LEU B 327 22.11 -40.08 19.97
CA LEU B 327 21.39 -38.84 19.70
C LEU B 327 20.16 -38.78 20.61
N GLN B 328 19.26 -37.84 20.35
CA GLN B 328 18.03 -37.59 21.10
C GLN B 328 18.29 -37.13 22.52
N ASP B 329 19.55 -37.02 22.94
CA ASP B 329 19.89 -36.47 24.24
C ASP B 329 20.93 -35.35 24.15
N ALA B 330 21.52 -35.11 22.99
CA ALA B 330 22.48 -34.02 22.84
C ALA B 330 21.77 -32.67 22.93
N GLU B 331 22.54 -31.63 23.26
CA GLU B 331 21.97 -30.31 23.42
C GLU B 331 21.49 -29.73 22.09
N TRP B 332 22.29 -29.91 21.03
CA TRP B 332 21.98 -29.24 19.77
C TRP B 332 20.73 -29.81 19.10
N TYR B 333 20.40 -31.06 19.35
CA TYR B 333 19.24 -31.67 18.72
C TYR B 333 17.98 -31.23 19.45
N TRP B 334 17.05 -30.59 18.72
CA TRP B 334 15.84 -30.05 19.31
C TRP B 334 14.57 -30.76 18.89
N GLY B 335 14.51 -31.30 17.67
CA GLY B 335 13.37 -32.12 17.31
C GLY B 335 12.55 -31.72 16.10
N ASP B 336 11.33 -31.24 16.37
CA ASP B 336 10.25 -31.23 15.40
C ASP B 336 10.41 -30.12 14.36
N ILE B 337 9.32 -29.80 13.66
CA ILE B 337 9.33 -29.05 12.41
C ILE B 337 8.96 -27.59 12.65
N SER B 338 9.22 -27.09 13.86
CA SER B 338 9.01 -25.68 14.17
C SER B 338 9.51 -24.77 13.05
N ARG B 339 10.74 -25.02 12.57
CA ARG B 339 11.34 -24.27 11.43
C ARG B 339 11.75 -22.82 11.63
N GLU B 340 11.00 -22.09 12.44
CA GLU B 340 11.28 -20.67 12.61
C GLU B 340 11.73 -20.39 14.01
N GLU B 341 11.46 -21.28 14.97
CA GLU B 341 12.02 -21.03 16.28
C GLU B 341 13.55 -21.07 16.26
N VAL B 342 14.13 -21.74 15.26
CA VAL B 342 15.58 -21.70 15.10
C VAL B 342 16.06 -20.28 14.83
N ASN B 343 15.33 -19.56 13.98
CA ASN B 343 15.70 -18.17 13.69
C ASN B 343 15.63 -17.31 14.94
N GLU B 344 14.58 -17.50 15.76
CA GLU B 344 14.47 -16.73 16.99
C GLU B 344 15.60 -17.08 17.96
N LYS B 345 15.91 -18.37 18.10
CA LYS B 345 16.95 -18.78 19.04
C LYS B 345 18.33 -18.28 18.61
N LEU B 346 18.62 -18.35 17.31
CA LEU B 346 19.94 -17.96 16.81
C LEU B 346 20.11 -16.46 16.64
N ARG B 347 19.01 -15.70 16.65
CA ARG B 347 19.13 -14.26 16.47
C ARG B 347 19.69 -13.59 17.73
N ASP B 348 20.52 -12.56 17.52
CA ASP B 348 21.12 -11.79 18.60
C ASP B 348 21.92 -12.68 19.55
N THR B 349 22.65 -13.64 18.98
CA THR B 349 23.51 -14.52 19.76
C THR B 349 24.91 -14.48 19.17
N ALA B 350 25.87 -14.96 19.96
CA ALA B 350 27.28 -14.85 19.60
C ALA B 350 27.59 -15.66 18.35
N ASP B 351 28.63 -15.22 17.65
CA ASP B 351 29.11 -15.96 16.49
C ASP B 351 29.56 -17.36 16.90
N GLY B 352 29.26 -18.34 16.06
CA GLY B 352 29.58 -19.72 16.33
C GLY B 352 28.46 -20.51 16.97
N THR B 353 27.42 -19.86 17.47
CA THR B 353 26.26 -20.57 18.01
C THR B 353 25.59 -21.38 16.90
N PHE B 354 25.21 -22.62 17.23
CA PHE B 354 24.72 -23.54 16.23
C PHE B 354 23.55 -24.34 16.75
N LEU B 355 22.85 -24.98 15.82
CA LEU B 355 21.73 -25.85 16.13
C LEU B 355 21.63 -26.92 15.05
N VAL B 356 21.16 -28.11 15.44
CA VAL B 356 20.95 -29.21 14.52
C VAL B 356 19.51 -29.70 14.67
N ARG B 357 18.78 -29.75 13.57
CA ARG B 357 17.38 -30.16 13.63
C ARG B 357 17.01 -30.86 12.34
N ASP B 358 16.13 -31.86 12.45
CA ASP B 358 15.72 -32.71 11.34
C ASP B 358 14.30 -32.33 10.94
N ALA B 359 14.17 -31.64 9.82
CA ALA B 359 12.86 -31.19 9.34
C ALA B 359 13.02 -30.61 7.95
N SER B 360 11.90 -30.12 7.41
CA SER B 360 11.75 -29.30 6.22
C SER B 360 11.91 -30.06 4.90
N THR B 361 12.36 -31.31 4.90
CA THR B 361 12.45 -32.04 3.64
C THR B 361 11.80 -33.42 3.74
N LYS B 362 11.96 -34.10 4.87
CA LYS B 362 11.60 -35.50 4.95
C LYS B 362 11.51 -35.88 6.42
N MET B 363 10.82 -36.99 6.69
CA MET B 363 10.47 -37.35 8.06
C MET B 363 11.71 -37.57 8.94
N HIS B 364 12.67 -38.37 8.47
CA HIS B 364 13.89 -38.60 9.24
C HIS B 364 15.04 -38.85 8.29
N GLY B 365 16.21 -38.32 8.66
CA GLY B 365 17.39 -38.41 7.83
C GLY B 365 17.79 -37.14 7.11
N ASP B 366 17.09 -36.03 7.36
CA ASP B 366 17.51 -34.75 6.79
C ASP B 366 18.62 -34.12 7.60
N TYR B 367 18.34 -33.76 8.86
CA TYR B 367 19.34 -33.26 9.81
C TYR B 367 20.08 -32.06 9.25
N THR B 368 19.36 -30.96 9.09
CA THR B 368 20.00 -29.71 8.71
C THR B 368 20.68 -29.07 9.92
N LEU B 369 21.68 -28.24 9.66
CA LEU B 369 22.44 -27.55 10.68
C LEU B 369 22.45 -26.07 10.40
N THR B 370 22.04 -25.27 11.39
CA THR B 370 22.08 -23.82 11.31
C THR B 370 23.27 -23.33 12.12
N LEU B 371 24.21 -22.68 11.44
CA LEU B 371 25.42 -22.13 12.06
C LEU B 371 25.43 -20.63 11.88
N ARG B 372 25.57 -19.88 12.97
CA ARG B 372 25.59 -18.43 12.89
C ARG B 372 27.00 -17.96 12.59
N LYS B 373 27.18 -17.37 11.40
CA LYS B 373 28.46 -16.79 11.01
C LYS B 373 28.18 -15.50 10.23
N GLY B 374 28.95 -14.47 10.51
CA GLY B 374 28.76 -13.17 9.87
C GLY B 374 27.40 -12.56 10.13
N GLY B 375 26.78 -12.89 11.26
CA GLY B 375 25.43 -12.46 11.55
C GLY B 375 24.34 -13.22 10.82
N ASN B 376 24.69 -14.19 9.98
CA ASN B 376 23.74 -14.91 9.15
C ASN B 376 23.68 -16.37 9.58
N ASN B 377 22.49 -16.95 9.50
CA ASN B 377 22.28 -18.37 9.80
C ASN B 377 22.56 -19.18 8.54
N LYS B 378 23.82 -19.60 8.39
CA LYS B 378 24.17 -20.51 7.31
C LYS B 378 23.48 -21.85 7.52
N LEU B 379 23.03 -22.45 6.42
CA LEU B 379 22.37 -23.76 6.43
C LEU B 379 23.30 -24.78 5.79
N ILE B 380 23.51 -25.91 6.49
CA ILE B 380 24.35 -26.99 5.98
C ILE B 380 23.58 -28.28 6.09
N LYS B 381 23.49 -29.01 4.98
CA LYS B 381 22.73 -30.26 4.93
C LYS B 381 23.65 -31.43 5.26
N ILE B 382 23.17 -32.34 6.11
CA ILE B 382 23.90 -33.53 6.51
C ILE B 382 23.38 -34.69 5.67
N PHE B 383 24.14 -35.06 4.65
CA PHE B 383 23.80 -36.21 3.82
C PHE B 383 23.94 -37.50 4.62
N HIS B 384 23.02 -38.44 4.37
CA HIS B 384 23.01 -39.74 5.02
C HIS B 384 23.00 -40.83 3.97
N ARG B 385 23.93 -41.77 4.09
CA ARG B 385 24.03 -42.88 3.14
C ARG B 385 24.68 -44.07 3.82
N ASP B 386 24.06 -45.24 3.67
CA ASP B 386 24.60 -46.50 4.17
C ASP B 386 24.89 -46.43 5.68
N GLY B 387 24.00 -45.80 6.42
CA GLY B 387 24.17 -45.67 7.86
C GLY B 387 25.29 -44.73 8.26
N LYS B 388 25.72 -43.85 7.37
CA LYS B 388 26.79 -42.90 7.62
C LYS B 388 26.29 -41.48 7.38
N TYR B 389 26.78 -40.54 8.18
CA TYR B 389 26.42 -39.15 8.08
C TYR B 389 27.62 -38.33 7.64
N GLY B 390 27.36 -37.25 6.91
CA GLY B 390 28.43 -36.34 6.52
C GLY B 390 27.97 -35.18 5.68
N PHE B 391 28.69 -34.05 5.76
CA PHE B 391 28.28 -32.85 5.05
C PHE B 391 28.30 -33.06 3.53
N SER B 392 29.35 -33.72 3.03
CA SER B 392 29.47 -33.98 1.61
C SER B 392 30.01 -35.38 1.39
N ASP B 393 29.68 -35.95 0.23
CA ASP B 393 30.19 -37.26 -0.14
C ASP B 393 31.69 -37.17 -0.40
N PRO B 394 32.49 -38.16 0.04
CA PRO B 394 32.09 -39.36 0.80
C PRO B 394 31.82 -39.09 2.28
N LEU B 395 30.97 -39.90 2.87
CA LEU B 395 30.55 -39.74 4.26
C LEU B 395 31.42 -40.65 5.13
N THR B 396 32.13 -40.07 6.09
CA THR B 396 33.09 -40.81 6.90
C THR B 396 32.70 -40.91 8.36
N PHE B 397 31.60 -40.29 8.76
CA PHE B 397 31.21 -40.30 10.17
C PHE B 397 30.06 -41.27 10.41
N SER B 398 29.96 -41.74 11.64
CA SER B 398 28.98 -42.77 11.98
C SER B 398 27.64 -42.19 12.40
N SER B 399 27.63 -41.34 13.42
CA SER B 399 26.41 -40.76 13.95
C SER B 399 26.46 -39.25 13.83
N VAL B 400 25.35 -38.59 14.16
CA VAL B 400 25.31 -37.14 14.17
C VAL B 400 26.24 -36.58 15.24
N VAL B 401 26.28 -37.23 16.40
CA VAL B 401 27.09 -36.73 17.51
C VAL B 401 28.57 -36.74 17.14
N GLU B 402 29.01 -37.78 16.44
CA GLU B 402 30.41 -37.86 16.03
C GLU B 402 30.76 -36.70 15.10
N LEU B 403 29.89 -36.42 14.12
CA LEU B 403 30.14 -35.30 13.21
C LEU B 403 30.17 -33.97 13.96
N ILE B 404 29.22 -33.78 14.88
CA ILE B 404 29.13 -32.52 15.62
C ILE B 404 30.39 -32.33 16.46
N ASN B 405 30.83 -33.37 17.16
CA ASN B 405 32.01 -33.25 18.00
C ASN B 405 33.27 -33.05 17.16
N HIS B 406 33.37 -33.75 16.04
CA HIS B 406 34.55 -33.62 15.18
C HIS B 406 34.67 -32.21 14.64
N TYR B 407 33.56 -31.59 14.27
CA TYR B 407 33.64 -30.22 13.79
C TYR B 407 33.55 -29.19 14.91
N ARG B 408 33.28 -29.62 16.15
CA ARG B 408 33.52 -28.75 17.30
C ARG B 408 35.01 -28.66 17.60
N ASN B 409 35.73 -29.76 17.44
CA ASN B 409 37.17 -29.73 17.68
C ASN B 409 37.91 -29.02 16.56
N GLU B 410 37.52 -29.26 15.31
CA GLU B 410 38.23 -28.72 14.15
C GLU B 410 37.32 -27.81 13.34
N SER B 411 37.91 -26.79 12.73
CA SER B 411 37.16 -25.79 12.00
C SER B 411 36.56 -26.36 10.71
N LEU B 412 35.52 -25.70 10.22
CA LEU B 412 34.84 -26.15 9.01
C LEU B 412 35.67 -25.89 7.75
N ALA B 413 36.75 -25.13 7.86
CA ALA B 413 37.60 -24.84 6.71
C ALA B 413 38.33 -26.10 6.25
N ASP B 420 33.20 -21.36 8.15
CA ASP B 420 34.65 -21.27 8.24
C ASP B 420 35.08 -21.03 9.69
N VAL B 421 34.17 -21.26 10.63
CA VAL B 421 34.44 -21.15 12.06
C VAL B 421 34.02 -22.45 12.73
N LYS B 422 34.87 -22.97 13.61
CA LYS B 422 34.54 -24.20 14.29
C LYS B 422 33.32 -23.99 15.20
N LEU B 423 32.68 -25.10 15.54
CA LEU B 423 31.43 -25.04 16.29
C LEU B 423 31.73 -24.60 17.71
N LEU B 424 31.04 -23.58 18.20
CA LEU B 424 31.39 -22.99 19.49
C LEU B 424 30.33 -23.16 20.57
N TYR B 425 29.11 -22.68 20.36
CA TYR B 425 28.13 -22.58 21.44
C TYR B 425 26.87 -23.37 21.11
N PRO B 426 26.64 -24.51 21.77
CA PRO B 426 25.41 -25.28 21.51
C PRO B 426 24.22 -24.67 22.25
N VAL B 427 23.10 -24.57 21.55
CA VAL B 427 21.86 -24.15 22.20
C VAL B 427 21.29 -25.33 22.97
N SER B 428 20.98 -25.12 24.24
CA SER B 428 20.44 -26.17 25.08
C SER B 428 18.91 -26.14 25.11
N ASN B 440 6.86 -28.73 42.12
CA ASN B 440 5.88 -29.72 41.67
C ASN B 440 5.05 -29.19 40.50
N ILE B 441 4.09 -29.98 40.05
CA ILE B 441 3.28 -29.62 38.89
C ILE B 441 2.41 -28.41 39.20
N GLU B 442 1.83 -28.37 40.40
CA GLU B 442 0.92 -27.28 40.75
C GLU B 442 1.65 -25.93 40.75
N ALA B 443 2.87 -25.89 41.26
CA ALA B 443 3.61 -24.64 41.33
C ALA B 443 3.89 -24.08 39.95
N VAL B 444 4.41 -24.91 39.04
CA VAL B 444 4.74 -24.44 37.71
C VAL B 444 3.46 -24.10 36.94
N GLY B 445 2.39 -24.86 37.14
CA GLY B 445 1.14 -24.55 36.47
C GLY B 445 0.57 -23.20 36.91
N LYS B 446 0.58 -22.94 38.22
CA LYS B 446 0.12 -21.65 38.72
C LYS B 446 1.00 -20.52 38.23
N LYS B 447 2.33 -20.75 38.20
CA LYS B 447 3.24 -19.73 37.70
C LYS B 447 2.96 -19.40 36.25
N LEU B 448 2.73 -20.44 35.43
CA LEU B 448 2.43 -20.22 34.01
C LEU B 448 1.10 -19.50 33.83
N HIS B 449 0.08 -19.87 34.60
CA HIS B 449 -1.21 -19.19 34.51
C HIS B 449 -1.10 -17.72 34.90
N GLU B 450 -0.37 -17.44 35.99
CA GLU B 450 -0.17 -16.05 36.41
C GLU B 450 0.61 -15.27 35.36
N TYR B 451 1.63 -15.88 34.77
CA TYR B 451 2.40 -15.21 33.74
C TYR B 451 1.55 -14.90 32.51
N ASN B 452 0.67 -15.84 32.12
CA ASN B 452 -0.24 -15.56 31.02
C ASN B 452 -1.18 -14.41 31.34
N THR B 453 -1.72 -14.39 32.57
CA THR B 453 -2.63 -13.33 32.96
C THR B 453 -1.95 -11.97 32.94
N GLN B 454 -0.74 -11.89 33.51
CA GLN B 454 -0.04 -10.62 33.56
C GLN B 454 0.48 -10.22 32.17
N PHE B 455 0.78 -11.19 31.31
CA PHE B 455 1.12 -10.87 29.93
C PHE B 455 -0.06 -10.24 29.21
N GLN B 456 -1.26 -10.77 29.44
CA GLN B 456 -2.46 -10.14 28.88
C GLN B 456 -2.65 -8.73 29.43
N GLU B 457 -2.44 -8.55 30.74
CA GLU B 457 -2.53 -7.22 31.34
C GLU B 457 -1.58 -6.25 30.66
N LYS B 458 -0.31 -6.65 30.51
CA LYS B 458 0.68 -5.76 29.92
C LYS B 458 0.41 -5.53 28.44
N SER B 459 -0.12 -6.52 27.73
CA SER B 459 -0.46 -6.33 26.32
C SER B 459 -1.55 -5.29 26.16
N ARG B 460 -2.60 -5.37 26.99
CA ARG B 460 -3.66 -4.36 26.90
C ARG B 460 -3.15 -2.99 27.32
N GLU B 461 -2.28 -2.93 28.34
CA GLU B 461 -1.69 -1.65 28.74
C GLU B 461 -0.85 -1.07 27.61
N TYR B 462 -0.09 -1.90 26.92
CA TYR B 462 0.72 -1.45 25.80
C TYR B 462 -0.15 -0.94 24.64
N ASP B 463 -1.27 -1.63 24.38
CA ASP B 463 -2.18 -1.17 23.33
C ASP B 463 -2.77 0.19 23.68
N ARG B 464 -3.18 0.36 24.94
CA ARG B 464 -3.70 1.67 25.38
C ARG B 464 -2.65 2.75 25.25
N LEU B 465 -1.41 2.44 25.66
CA LEU B 465 -0.32 3.42 25.54
C LEU B 465 -0.07 3.78 24.09
N TYR B 466 -0.11 2.80 23.19
CA TYR B 466 0.10 3.06 21.77
C TYR B 466 -1.00 3.94 21.19
N GLU B 467 -2.26 3.66 21.54
CA GLU B 467 -3.34 4.50 21.02
C GLU B 467 -3.25 5.92 21.56
N GLU B 468 -2.88 6.08 22.84
CA GLU B 468 -2.67 7.41 23.39
C GLU B 468 -1.52 8.12 22.68
N TYR B 469 -0.45 7.39 22.37
CA TYR B 469 0.67 7.94 21.63
C TYR B 469 0.23 8.47 20.27
N THR B 470 -0.55 7.67 19.55
CA THR B 470 -1.02 8.08 18.22
C THR B 470 -1.93 9.31 18.32
N ARG B 471 -2.84 9.32 19.29
CA ARG B 471 -3.73 10.47 19.44
C ARG B 471 -2.94 11.74 19.77
N THR B 472 -1.97 11.63 20.67
CA THR B 472 -1.16 12.79 21.03
C THR B 472 -0.32 13.25 19.84
N SER B 473 0.17 12.32 19.01
CA SER B 473 0.92 12.71 17.83
C SER B 473 0.05 13.49 16.86
N GLN B 474 -1.19 13.03 16.64
CA GLN B 474 -2.09 13.77 15.76
C GLN B 474 -2.40 15.15 16.32
N GLU B 475 -2.62 15.24 17.63
CA GLU B 475 -2.85 16.55 18.26
C GLU B 475 -1.64 17.46 18.07
N ILE B 476 -0.44 16.92 18.25
CA ILE B 476 0.79 17.69 18.07
C ILE B 476 0.89 18.23 16.65
N GLN B 477 0.61 17.37 15.66
CA GLN B 477 0.72 17.81 14.27
C GLN B 477 -0.28 18.91 13.95
N MET B 478 -1.54 18.74 14.39
CA MET B 478 -2.53 19.77 14.12
C MET B 478 -2.20 21.07 14.84
N LYS B 479 -1.63 20.98 16.05
CA LYS B 479 -1.26 22.19 16.78
C LYS B 479 -0.09 22.89 16.10
N ARG B 480 0.88 22.14 15.57
CA ARG B 480 1.97 22.77 14.84
C ARG B 480 1.47 23.45 13.58
N THR B 481 0.52 22.82 12.87
CA THR B 481 -0.06 23.46 11.70
C THR B 481 -0.78 24.76 12.09
N ALA B 482 -1.52 24.73 13.19
CA ALA B 482 -2.20 25.95 13.65
C ALA B 482 -1.21 27.03 14.07
N ILE B 483 -0.08 26.65 14.67
CA ILE B 483 0.96 27.62 15.01
C ILE B 483 1.52 28.27 13.75
N GLU B 484 1.76 27.47 12.71
CA GLU B 484 2.27 28.05 11.47
C GLU B 484 1.24 28.98 10.84
N ALA B 485 -0.05 28.61 10.92
CA ALA B 485 -1.09 29.48 10.40
C ALA B 485 -1.16 30.80 11.16
N PHE B 486 -1.06 30.75 12.50
CA PHE B 486 -0.98 31.97 13.29
C PHE B 486 0.23 32.81 12.91
N ASN B 487 1.37 32.16 12.65
CA ASN B 487 2.56 32.90 12.25
C ASN B 487 2.31 33.66 10.95
N GLU B 488 1.71 32.98 9.97
CA GLU B 488 1.45 33.64 8.68
C GLU B 488 0.45 34.78 8.83
N THR B 489 -0.61 34.55 9.61
CA THR B 489 -1.61 35.60 9.83
C THR B 489 -0.99 36.80 10.55
N ILE B 490 -0.14 36.55 11.54
CA ILE B 490 0.53 37.63 12.25
C ILE B 490 1.40 38.43 11.30
N LYS B 491 2.14 37.73 10.44
CA LYS B 491 3.00 38.43 9.48
C LYS B 491 2.18 39.31 8.54
N ILE B 492 1.10 38.77 7.98
CA ILE B 492 0.32 39.55 7.02
C ILE B 492 -0.33 40.75 7.70
N PHE B 493 -0.89 40.55 8.90
CA PHE B 493 -1.40 41.68 9.66
C PHE B 493 -0.30 42.67 10.00
N GLU B 494 0.94 42.19 10.14
CA GLU B 494 2.04 43.08 10.51
C GLU B 494 2.38 44.02 9.37
N GLU B 495 2.53 43.51 8.14
CA GLU B 495 2.81 44.48 7.09
C GLU B 495 1.57 45.30 6.75
N GLN B 496 0.36 44.78 7.01
CA GLN B 496 -0.82 45.63 6.86
C GLN B 496 -0.75 46.82 7.83
N CYS B 497 -0.42 46.56 9.09
CA CYS B 497 -0.29 47.63 10.07
C CYS B 497 0.82 48.60 9.69
N GLN B 498 1.95 48.08 9.20
CA GLN B 498 3.05 48.94 8.82
C GLN B 498 2.65 49.87 7.67
N THR B 499 1.96 49.32 6.66
CA THR B 499 1.50 50.14 5.55
C THR B 499 0.51 51.20 6.02
N GLN B 500 -0.38 50.82 6.94
CA GLN B 500 -1.41 51.77 7.45
C GLN B 500 -0.72 52.97 8.07
N GLU B 501 -0.12 52.78 9.25
CA GLU B 501 0.65 53.87 9.91
C GLU B 501 1.34 54.70 8.83
N ARG B 502 2.23 54.08 8.04
CA ARG B 502 3.01 54.81 7.00
C ARG B 502 2.09 55.81 6.28
N TYR B 503 1.21 55.31 5.42
CA TYR B 503 0.35 56.23 4.63
C TYR B 503 -0.29 57.24 5.57
N SER B 504 -1.07 56.76 6.55
CA SER B 504 -1.75 57.65 7.51
C SER B 504 -0.78 58.73 7.99
N LYS B 505 0.17 58.37 8.85
CA LYS B 505 1.11 59.38 9.41
C LYS B 505 1.33 60.53 8.42
N GLU B 506 1.76 60.21 7.19
CA GLU B 506 2.09 61.30 6.23
C GLU B 506 0.82 61.89 5.61
N TYR B 507 0.12 61.14 4.75
CA TYR B 507 -1.02 61.72 4.05
C TYR B 507 -1.83 62.63 4.95
N ILE B 508 -1.97 62.27 6.23
CA ILE B 508 -2.82 62.98 7.17
C ILE B 508 -1.97 63.33 8.39
N GLU B 509 -1.43 64.54 8.44
CA GLU B 509 -0.56 64.96 9.53
C GLU B 509 -1.08 66.16 10.29
N LYS B 510 -1.56 67.19 9.60
CA LYS B 510 -1.93 68.44 10.24
C LYS B 510 -3.13 69.06 9.54
N PHE B 511 -3.55 70.23 10.02
CA PHE B 511 -4.68 70.95 9.43
C PHE B 511 -4.36 71.44 8.02
N LYS B 512 -3.08 71.63 7.71
CA LYS B 512 -2.71 72.10 6.37
C LYS B 512 -3.12 71.10 5.29
N ARG B 513 -3.22 69.82 5.64
CA ARG B 513 -3.68 68.80 4.71
C ARG B 513 -5.20 68.77 4.67
N GLU B 514 -5.75 67.86 3.86
CA GLU B 514 -7.20 67.75 3.74
C GLU B 514 -7.84 67.23 5.03
N GLY B 515 -7.09 66.48 5.82
CA GLY B 515 -7.62 65.91 7.05
C GLY B 515 -7.64 66.89 8.21
N ASN B 516 -8.58 67.83 8.19
CA ASN B 516 -8.70 68.76 9.31
C ASN B 516 -9.07 68.04 10.60
N GLU B 517 -10.05 67.14 10.53
CA GLU B 517 -10.43 66.34 11.70
C GLU B 517 -10.74 64.90 11.31
N LYS B 518 -10.39 64.48 10.09
CA LYS B 518 -10.70 63.13 9.64
C LYS B 518 -9.95 62.09 10.48
N GLU B 519 -8.69 62.38 10.81
CA GLU B 519 -7.90 61.46 11.64
C GLU B 519 -8.64 61.11 12.92
N ILE B 520 -8.91 62.12 13.75
CA ILE B 520 -9.61 61.90 15.00
C ILE B 520 -10.98 61.29 14.75
N GLN B 521 -11.64 61.69 13.67
CA GLN B 521 -13.00 61.22 13.40
C GLN B 521 -13.04 59.71 13.23
N ARG B 522 -12.21 59.17 12.34
CA ARG B 522 -12.32 57.75 12.03
C ARG B 522 -11.00 56.98 12.08
N ILE B 523 -9.91 57.63 11.68
CA ILE B 523 -8.71 56.89 11.31
C ILE B 523 -7.92 56.44 12.53
N MET B 524 -7.87 57.26 13.59
CA MET B 524 -7.19 56.80 14.80
C MET B 524 -7.90 55.60 15.40
N HIS B 525 -9.23 55.61 15.38
CA HIS B 525 -9.98 54.46 15.87
C HIS B 525 -9.78 53.24 14.97
N ASN B 526 -9.68 53.46 13.66
CA ASN B 526 -9.40 52.36 12.75
C ASN B 526 -8.05 51.71 13.06
N TYR B 527 -7.02 52.53 13.29
CA TYR B 527 -5.71 52.01 13.64
C TYR B 527 -5.74 51.37 15.03
N ASP B 528 -6.57 51.89 15.94
CA ASP B 528 -6.72 51.28 17.25
C ASP B 528 -7.29 49.87 17.13
N LYS B 529 -8.32 49.71 16.31
CA LYS B 529 -8.88 48.38 16.07
C LYS B 529 -7.86 47.48 15.39
N LEU B 530 -7.05 48.04 14.49
CA LEU B 530 -6.01 47.23 13.85
C LEU B 530 -5.00 46.71 14.86
N LYS B 531 -4.53 47.57 15.76
CA LYS B 531 -3.53 47.10 16.73
C LYS B 531 -4.17 46.16 17.74
N SER B 532 -5.44 46.38 18.08
CA SER B 532 -6.14 45.43 18.93
C SER B 532 -6.22 44.06 18.27
N ARG B 533 -6.50 44.02 16.98
CA ARG B 533 -6.59 42.75 16.27
C ARG B 533 -5.24 42.04 16.22
N ILE B 534 -4.17 42.78 15.92
CA ILE B 534 -2.86 42.14 15.84
C ILE B 534 -2.41 41.67 17.22
N SER B 535 -2.73 42.44 18.27
CA SER B 535 -2.40 41.99 19.63
C SER B 535 -3.19 40.73 19.98
N GLU B 536 -4.47 40.67 19.61
CA GLU B 536 -5.25 39.47 19.88
C GLU B 536 -4.67 38.26 19.16
N ILE B 537 -4.28 38.42 17.90
CA ILE B 537 -3.75 37.30 17.14
C ILE B 537 -2.40 36.85 17.70
N ILE B 538 -1.56 37.80 18.12
CA ILE B 538 -0.26 37.41 18.68
C ILE B 538 -0.45 36.74 20.03
N ASP B 539 -1.43 37.17 20.82
CA ASP B 539 -1.73 36.49 22.08
C ASP B 539 -2.23 35.07 21.83
N SER B 540 -3.08 34.89 20.83
CA SER B 540 -3.54 33.55 20.48
C SER B 540 -2.39 32.66 20.04
N ARG B 541 -1.48 33.21 19.23
CA ARG B 541 -0.31 32.44 18.81
C ARG B 541 0.54 32.05 20.01
N ARG B 542 0.77 32.98 20.94
CA ARG B 542 1.60 32.68 22.11
C ARG B 542 0.96 31.61 22.98
N ARG B 543 -0.33 31.75 23.28
CA ARG B 543 -0.98 30.76 24.14
C ARG B 543 -1.04 29.39 23.45
N LEU B 544 -1.19 29.37 22.13
CA LEU B 544 -1.19 28.08 21.44
C LEU B 544 0.20 27.46 21.41
N GLU B 545 1.27 28.29 21.34
CA GLU B 545 2.60 27.73 21.50
C GLU B 545 2.79 27.11 22.88
N GLU B 546 2.27 27.78 23.91
CA GLU B 546 2.35 27.20 25.26
C GLU B 546 1.60 25.88 25.33
N ASP B 547 0.40 25.83 24.73
CA ASP B 547 -0.36 24.58 24.70
C ASP B 547 0.38 23.49 23.94
N LEU B 548 1.04 23.86 22.84
CA LEU B 548 1.83 22.91 22.06
C LEU B 548 3.00 22.38 22.88
N LYS B 549 3.65 23.25 23.66
CA LYS B 549 4.75 22.80 24.52
C LYS B 549 4.24 21.82 25.58
N LYS B 550 3.08 22.11 26.18
CA LYS B 550 2.52 21.19 27.15
C LYS B 550 2.17 19.84 26.51
N GLN B 551 1.59 19.89 25.30
CA GLN B 551 1.27 18.65 24.60
C GLN B 551 2.53 17.88 24.23
N ALA B 552 3.61 18.58 23.89
CA ALA B 552 4.87 17.91 23.60
C ALA B 552 5.45 17.25 24.84
N ALA B 553 5.31 17.90 26.00
CA ALA B 553 5.72 17.27 27.25
C ALA B 553 4.91 16.02 27.53
N GLU B 554 3.60 16.08 27.29
CA GLU B 554 2.76 14.89 27.44
C GLU B 554 3.19 13.78 26.49
N TYR B 555 3.53 14.16 25.25
CA TYR B 555 4.04 13.20 24.27
C TYR B 555 5.31 12.54 24.76
N ARG B 556 6.23 13.33 25.32
CA ARG B 556 7.48 12.80 25.85
C ARG B 556 7.20 11.81 26.98
N GLU B 557 6.27 12.16 27.87
CA GLU B 557 5.95 11.28 28.99
C GLU B 557 5.34 9.97 28.51
N ILE B 558 4.43 10.05 27.53
CA ILE B 558 3.80 8.84 27.00
C ILE B 558 4.86 7.96 26.33
N ASP B 559 5.77 8.57 25.56
CA ASP B 559 6.83 7.80 24.93
C ASP B 559 7.73 7.13 25.98
N LYS B 560 8.05 7.85 27.05
CA LYS B 560 8.86 7.27 28.12
C LYS B 560 8.17 6.07 28.75
N ARG B 561 6.88 6.21 29.06
CA ARG B 561 6.16 5.11 29.68
C ARG B 561 6.08 3.89 28.76
N MET B 562 5.74 4.12 27.48
CA MET B 562 5.67 3.02 26.53
C MET B 562 7.02 2.35 26.36
N ASN B 563 8.08 3.14 26.27
CA ASN B 563 9.40 2.60 25.99
C ASN B 563 9.97 1.89 27.21
N SER B 564 9.53 2.26 28.42
CA SER B 564 9.90 1.51 29.61
C SER B 564 9.11 0.22 29.74
N ILE B 565 7.83 0.24 29.34
CA ILE B 565 6.99 -0.95 29.52
C ILE B 565 7.20 -1.99 28.43
N LYS B 566 7.77 -1.61 27.28
CA LYS B 566 7.95 -2.58 26.19
C LYS B 566 8.91 -3.71 26.56
N PRO B 567 10.18 -3.45 26.91
CA PRO B 567 11.11 -4.58 27.12
C PRO B 567 10.67 -5.53 28.21
N ASP B 568 9.98 -5.04 29.23
CA ASP B 568 9.38 -5.93 30.21
C ASP B 568 8.36 -6.85 29.54
N LEU B 569 7.58 -6.32 28.60
CA LEU B 569 6.61 -7.14 27.88
C LEU B 569 7.31 -8.22 27.06
N ILE B 570 8.41 -7.88 26.38
CA ILE B 570 9.13 -8.91 25.64
C ILE B 570 9.69 -9.98 26.58
N GLN B 571 10.24 -9.56 27.73
CA GLN B 571 10.77 -10.53 28.67
C GLN B 571 9.68 -11.46 29.19
N LEU B 572 8.51 -10.91 29.51
CA LEU B 572 7.41 -11.73 30.00
C LEU B 572 6.89 -12.67 28.93
N ARG B 573 6.84 -12.21 27.68
CA ARG B 573 6.44 -13.08 26.58
C ARG B 573 7.43 -14.23 26.42
N LYS B 574 8.73 -13.94 26.51
CA LYS B 574 9.74 -14.99 26.41
C LYS B 574 9.60 -16.00 27.53
N THR B 575 9.39 -15.53 28.76
CA THR B 575 9.23 -16.44 29.89
C THR B 575 7.99 -17.30 29.73
N ARG B 576 6.87 -16.70 29.32
CA ARG B 576 5.65 -17.48 29.11
C ARG B 576 5.85 -18.52 28.03
N ASP B 577 6.55 -18.16 26.94
CA ASP B 577 6.81 -19.11 25.89
C ASP B 577 7.67 -20.27 26.38
N GLN B 578 8.68 -19.99 27.18
CA GLN B 578 9.59 -21.06 27.59
C GLN B 578 8.98 -21.93 28.68
N TYR B 579 8.02 -21.41 29.46
CA TYR B 579 7.26 -22.32 30.33
C TYR B 579 6.22 -23.12 29.54
N LEU B 580 5.61 -22.53 28.51
CA LEU B 580 4.65 -23.27 27.72
C LEU B 580 5.32 -24.37 26.90
N MET B 581 6.60 -24.17 26.55
CA MET B 581 7.33 -25.21 25.83
C MET B 581 7.48 -26.48 26.65
N TRP B 582 7.37 -26.36 27.98
CA TRP B 582 7.41 -27.53 28.84
C TRP B 582 6.07 -28.27 28.83
N LEU B 583 4.97 -27.51 28.87
CA LEU B 583 3.59 -28.00 28.77
C LEU B 583 3.35 -29.28 29.59
N THR B 584 4.03 -29.39 30.72
CA THR B 584 3.84 -30.56 31.59
C THR B 584 3.82 -30.14 33.07
#